data_3P1T
#
_entry.id   3P1T
#
_cell.length_a   167.550
_cell.length_b   167.550
_cell.length_c   290.534
_cell.angle_alpha   90.00
_cell.angle_beta   90.00
_cell.angle_gamma   90.00
#
_symmetry.space_group_name_H-M   'I 41 2 2'
#
loop_
_entity.id
_entity.type
_entity.pdbx_description
1 polymer 'Putative histidinol-phosphate aminotransferase'
2 non-polymer 'SULFATE ION'
3 non-polymer 'L(+)-TARTARIC ACID'
4 non-polymer 1,2-ETHANEDIOL
5 water water
#
_entity_poly.entity_id   1
_entity_poly.type   'polypeptide(L)'
_entity_poly.pdbx_seq_one_letter_code
;G(MSE)SVGEA(MSE)DTEVRAAAQAVCLAFNENPEAVEPRVQAAIAAAAARINRYPFDAEPRV(MSE)RKLAEHFSCPE
DNL(MSE)LVRGIDECFDRISAEFSS(MSE)RFVTAWPGFDGYRARIAVSGLRHFEIGLTDDLLLDPNDLAQVSRDDCVV
LANPSNPTGQALSAGELDQLRQRAGKLLIDETYVDYSSFRARGLAYGENELVFRSFSKSYGLAGLRLGALFGPSELIAA
(MSE)KRKQWFCNVGTLDLHALEAALDNDRAREAHIAKTLAQRRRVADALRGLGYRVASSEANFVLVENAAGERTLRFLR
ERGIQVKDAGQFGLHHHIRISIGREEDNDRLLAALAEYSDHS
;
_entity_poly.pdbx_strand_id   A,B,C,D
#
# COMPACT_ATOMS: atom_id res chain seq x y z
N ALA A 14 31.78 54.89 25.17
CA ALA A 14 32.46 53.64 24.86
C ALA A 14 31.55 52.43 25.15
N ALA A 15 30.98 51.82 24.07
CA ALA A 15 30.05 50.68 24.15
C ALA A 15 30.45 49.56 23.15
N ALA A 16 31.11 48.50 23.68
CA ALA A 16 31.58 47.31 22.96
C ALA A 16 30.43 46.30 22.75
N GLN A 17 29.82 46.37 21.56
CA GLN A 17 28.70 45.53 21.15
C GLN A 17 29.14 44.10 20.74
N ALA A 18 28.16 43.25 20.38
CA ALA A 18 28.38 41.88 19.94
C ALA A 18 29.14 41.83 18.62
N VAL A 19 29.98 40.79 18.45
CA VAL A 19 30.87 40.59 17.31
C VAL A 19 30.71 39.14 16.81
N CYS A 20 30.36 38.96 15.52
CA CYS A 20 30.22 37.64 14.90
C CYS A 20 31.27 37.49 13.80
N LEU A 21 32.20 36.60 14.05
CA LEU A 21 33.29 36.21 13.16
C LEU A 21 33.22 34.70 13.03
N ALA A 22 32.02 34.17 12.74
CA ALA A 22 31.81 32.72 12.71
C ALA A 22 31.29 32.18 11.36
N PHE A 23 30.69 33.01 10.47
CA PHE A 23 30.09 32.47 9.24
C PHE A 23 30.72 32.98 7.95
N ASN A 24 31.92 33.61 8.03
CA ASN A 24 32.69 34.08 6.87
C ASN A 24 31.87 35.06 6.01
N GLU A 25 31.03 35.88 6.66
CA GLU A 25 30.20 36.84 5.93
C GLU A 25 31.03 38.08 5.56
N ASN A 26 30.59 38.81 4.51
CA ASN A 26 31.21 40.09 4.13
C ASN A 26 30.77 41.10 5.22
N PRO A 27 31.70 41.71 5.99
CA PRO A 27 31.27 42.55 7.13
C PRO A 27 30.90 43.99 6.76
N GLU A 28 31.16 44.39 5.50
CA GLU A 28 30.89 45.76 5.01
C GLU A 28 29.42 46.02 4.85
N ALA A 29 29.05 47.30 4.86
CA ALA A 29 27.68 47.72 4.63
C ALA A 29 27.32 47.48 3.15
N VAL A 30 26.06 47.13 2.87
CA VAL A 30 25.59 46.86 1.52
C VAL A 30 25.61 48.17 0.74
N GLU A 31 26.31 48.20 -0.42
CA GLU A 31 26.46 49.39 -1.26
C GLU A 31 25.09 50.01 -1.60
N PRO A 32 24.99 51.37 -1.56
CA PRO A 32 23.70 52.03 -1.85
C PRO A 32 23.11 51.69 -3.22
N ARG A 33 23.95 51.61 -4.28
CA ARG A 33 23.47 51.32 -5.63
C ARG A 33 22.87 49.91 -5.67
N VAL A 34 23.39 48.99 -4.84
CA VAL A 34 22.91 47.63 -4.78
C VAL A 34 21.51 47.66 -4.12
N GLN A 35 21.36 48.36 -2.98
CA GLN A 35 20.09 48.50 -2.26
C GLN A 35 19.03 49.15 -3.15
N ALA A 36 19.41 50.20 -3.91
CA ALA A 36 18.50 50.94 -4.81
C ALA A 36 17.98 50.03 -5.92
N ALA A 37 18.84 49.16 -6.51
CA ALA A 37 18.44 48.19 -7.56
C ALA A 37 17.33 47.26 -7.04
N ILE A 38 17.46 46.83 -5.75
CA ILE A 38 16.51 45.94 -5.07
C ILE A 38 15.19 46.72 -4.87
N ALA A 39 15.26 47.95 -4.35
CA ALA A 39 14.08 48.82 -4.10
C ALA A 39 13.26 49.07 -5.37
N ALA A 40 13.94 49.15 -6.52
CA ALA A 40 13.30 49.37 -7.81
C ALA A 40 12.64 48.08 -8.31
N ALA A 41 13.29 46.91 -8.08
CA ALA A 41 12.73 45.63 -8.49
C ALA A 41 11.52 45.26 -7.64
N ALA A 42 11.44 45.81 -6.41
CA ALA A 42 10.34 45.56 -5.47
C ALA A 42 9.00 45.98 -6.03
N ALA A 43 8.97 46.97 -6.91
CA ALA A 43 7.73 47.46 -7.52
C ALA A 43 7.20 46.52 -8.69
N ARG A 44 7.99 45.50 -9.08
CA ARG A 44 7.65 44.57 -10.17
C ARG A 44 7.62 43.09 -9.74
N ILE A 45 7.57 42.80 -8.43
CA ILE A 45 7.59 41.43 -7.93
C ILE A 45 6.31 40.64 -8.33
N ASN A 46 5.25 41.33 -8.82
CA ASN A 46 3.99 40.72 -9.23
C ASN A 46 4.08 40.04 -10.61
N ARG A 47 5.18 40.27 -11.34
CA ARG A 47 5.38 39.79 -12.72
C ARG A 47 6.53 38.85 -12.81
N TYR A 48 6.43 37.85 -13.73
CA TYR A 48 7.53 36.93 -13.99
C TYR A 48 8.73 37.70 -14.61
N PRO A 49 9.98 37.48 -14.14
CA PRO A 49 11.13 38.28 -14.66
C PRO A 49 11.62 37.76 -16.02
N PHE A 50 10.72 37.77 -17.03
CA PHE A 50 11.00 37.24 -18.36
C PHE A 50 12.08 38.02 -19.09
N ASP A 51 12.25 39.30 -18.83
CA ASP A 51 13.29 40.07 -19.50
C ASP A 51 14.58 40.12 -18.65
N ALA A 52 14.44 40.14 -17.32
CA ALA A 52 15.56 40.21 -16.38
C ALA A 52 16.41 38.91 -16.36
N GLU A 53 15.80 37.71 -16.44
CA GLU A 53 16.54 36.44 -16.39
C GLU A 53 17.57 36.35 -17.55
N PRO A 54 17.20 36.49 -18.86
CA PRO A 54 18.25 36.42 -19.92
C PRO A 54 19.28 37.54 -19.85
N ARG A 55 18.88 38.75 -19.40
CA ARG A 55 19.76 39.90 -19.25
C ARG A 55 20.86 39.62 -18.21
N VAL A 56 20.49 39.03 -17.05
CA VAL A 56 21.45 38.73 -15.98
C VAL A 56 22.36 37.57 -16.43
N ARG A 58 23.45 36.95 -19.44
CA ARG A 58 24.37 37.60 -20.34
C ARG A 58 25.39 38.38 -19.53
N LYS A 59 24.93 39.10 -18.47
CA LYS A 59 25.79 39.90 -17.59
C LYS A 59 26.82 38.99 -16.89
N LEU A 60 26.40 37.80 -16.41
CA LEU A 60 27.25 36.79 -15.79
C LEU A 60 28.32 36.32 -16.77
N ALA A 61 27.92 36.04 -18.02
CA ALA A 61 28.78 35.58 -19.10
C ALA A 61 29.89 36.60 -19.36
N GLU A 62 29.52 37.91 -19.36
CA GLU A 62 30.43 39.04 -19.56
C GLU A 62 31.40 39.13 -18.41
N HIS A 63 30.87 39.08 -17.18
CA HIS A 63 31.63 39.21 -15.95
C HIS A 63 32.74 38.12 -15.86
N PHE A 64 32.39 36.84 -16.14
CA PHE A 64 33.33 35.74 -16.01
C PHE A 64 34.07 35.46 -17.33
N SER A 65 33.79 36.25 -18.40
CA SER A 65 34.38 36.19 -19.73
C SER A 65 34.34 34.76 -20.30
N CYS A 66 33.16 34.16 -20.32
CA CYS A 66 32.95 32.82 -20.85
C CYS A 66 31.62 32.78 -21.59
N PRO A 67 31.35 31.78 -22.47
CA PRO A 67 30.03 31.75 -23.11
C PRO A 67 28.93 31.38 -22.12
N GLU A 68 27.71 31.88 -22.36
CA GLU A 68 26.52 31.62 -21.54
C GLU A 68 26.18 30.10 -21.53
N ASP A 69 26.62 29.39 -22.58
CA ASP A 69 26.43 27.95 -22.74
C ASP A 69 27.26 27.13 -21.74
N ASN A 70 28.25 27.77 -21.10
CA ASN A 70 29.15 27.08 -20.20
C ASN A 70 28.90 27.43 -18.72
N LEU A 71 27.86 28.24 -18.42
CA LEU A 71 27.56 28.61 -17.04
C LEU A 71 26.09 28.39 -16.72
N LEU A 73 23.29 29.37 -13.38
CA LEU A 73 23.01 30.12 -12.16
C LEU A 73 22.30 29.16 -11.19
N VAL A 74 22.84 29.00 -9.96
CA VAL A 74 22.31 28.01 -9.02
C VAL A 74 22.05 28.60 -7.63
N ARG A 75 21.19 27.90 -6.86
CA ARG A 75 20.87 28.22 -5.47
C ARG A 75 21.99 27.64 -4.56
N GLY A 76 23.20 28.20 -4.70
CA GLY A 76 24.37 27.81 -3.92
C GLY A 76 24.97 26.47 -4.26
N ILE A 77 25.92 26.06 -3.41
CA ILE A 77 26.67 24.83 -3.58
C ILE A 77 25.72 23.60 -3.41
N ASP A 78 24.61 23.71 -2.63
CA ASP A 78 23.66 22.58 -2.48
C ASP A 78 23.02 22.23 -3.82
N GLU A 79 22.46 23.21 -4.57
CA GLU A 79 21.88 22.93 -5.89
C GLU A 79 22.93 22.40 -6.84
N CYS A 80 24.11 23.02 -6.83
CA CYS A 80 25.26 22.66 -7.65
C CYS A 80 25.59 21.16 -7.47
N PHE A 81 25.78 20.70 -6.20
CA PHE A 81 26.14 19.33 -5.87
C PHE A 81 25.04 18.37 -6.31
N ASP A 82 23.77 18.72 -6.06
CA ASP A 82 22.62 17.87 -6.40
C ASP A 82 22.47 17.67 -7.89
N ARG A 83 22.51 18.75 -8.69
CA ARG A 83 22.30 18.62 -10.13
C ARG A 83 23.49 17.90 -10.79
N ILE A 84 24.74 18.05 -10.27
CA ILE A 84 25.89 17.34 -10.82
C ILE A 84 25.78 15.86 -10.46
N SER A 85 25.52 15.54 -9.18
CA SER A 85 25.44 14.15 -8.70
C SER A 85 24.29 13.39 -9.40
N ALA A 86 23.17 14.06 -9.74
CA ALA A 86 22.05 13.44 -10.47
C ALA A 86 22.47 12.95 -11.89
N GLU A 87 23.55 13.54 -12.45
CA GLU A 87 24.04 13.17 -13.78
C GLU A 87 25.12 12.09 -13.70
N PHE A 88 25.71 11.85 -12.51
CA PHE A 88 26.78 10.86 -12.27
C PHE A 88 26.45 9.98 -11.07
N SER A 89 25.17 9.60 -10.91
CA SER A 89 24.61 8.89 -9.74
C SER A 89 25.26 7.51 -9.50
N SER A 90 25.91 6.91 -10.50
CA SER A 90 26.56 5.60 -10.33
C SER A 90 28.02 5.73 -9.85
N ARG A 92 31.44 6.98 -7.59
CA ARG A 92 31.81 7.12 -6.19
C ARG A 92 32.19 8.56 -6.00
N PHE A 93 31.56 9.22 -5.05
CA PHE A 93 31.85 10.62 -4.78
C PHE A 93 32.97 10.67 -3.74
N VAL A 94 34.00 11.48 -4.05
CA VAL A 94 35.20 11.60 -3.24
C VAL A 94 35.33 13.05 -2.75
N THR A 95 35.36 13.22 -1.43
CA THR A 95 35.48 14.53 -0.78
C THR A 95 36.57 14.47 0.28
N ALA A 96 37.01 15.64 0.77
CA ALA A 96 38.00 15.74 1.85
C ALA A 96 37.32 15.68 3.20
N TRP A 97 37.97 15.03 4.16
CA TRP A 97 37.49 15.01 5.53
C TRP A 97 38.68 14.84 6.48
N PRO A 98 38.99 15.85 7.33
CA PRO A 98 38.28 17.11 7.56
C PRO A 98 38.20 17.99 6.31
N GLY A 99 37.10 18.73 6.21
CA GLY A 99 36.81 19.63 5.11
C GLY A 99 35.38 20.12 5.23
N PHE A 100 34.90 20.88 4.23
CA PHE A 100 33.55 21.42 4.19
C PHE A 100 32.51 20.29 4.35
N ASP A 101 31.56 20.47 5.25
CA ASP A 101 30.59 19.45 5.66
C ASP A 101 29.33 19.41 4.77
N GLY A 102 29.15 20.39 3.89
CA GLY A 102 27.99 20.47 3.01
C GLY A 102 27.84 19.30 2.05
N TYR A 103 28.96 18.79 1.52
CA TYR A 103 28.95 17.66 0.58
C TYR A 103 28.44 16.43 1.30
N ARG A 104 28.88 16.20 2.56
CA ARG A 104 28.38 15.10 3.39
C ARG A 104 26.84 15.14 3.55
N ALA A 105 26.27 16.34 3.76
CA ALA A 105 24.84 16.59 3.96
C ALA A 105 24.03 16.20 2.74
N ARG A 106 24.53 16.55 1.54
CA ARG A 106 23.87 16.23 0.25
C ARG A 106 24.01 14.74 -0.10
N ILE A 107 25.13 14.10 0.32
CA ILE A 107 25.37 12.67 0.12
C ILE A 107 24.38 11.88 1.05
N ALA A 108 24.03 12.48 2.20
CA ALA A 108 23.10 11.93 3.16
C ALA A 108 21.65 11.98 2.68
N VAL A 109 21.33 12.82 1.68
CA VAL A 109 19.95 12.89 1.18
C VAL A 109 19.87 12.14 -0.13
N SER A 110 20.97 11.58 -0.61
CA SER A 110 20.99 10.78 -1.84
C SER A 110 21.38 9.31 -1.55
N GLY A 111 21.54 8.52 -2.59
CA GLY A 111 22.01 7.15 -2.46
C GLY A 111 23.36 6.96 -3.13
N LEU A 112 24.24 7.98 -3.00
CA LEU A 112 25.56 7.94 -3.61
C LEU A 112 26.59 7.25 -2.76
N ARG A 113 27.49 6.49 -3.42
CA ARG A 113 28.70 5.89 -2.83
C ARG A 113 29.65 7.00 -2.43
N HIS A 114 30.36 6.82 -1.31
CA HIS A 114 31.21 7.90 -0.82
C HIS A 114 32.51 7.35 -0.21
N PHE A 115 33.63 7.99 -0.58
CA PHE A 115 34.98 7.75 -0.09
C PHE A 115 35.57 9.08 0.29
N GLU A 116 36.30 9.14 1.42
CA GLU A 116 36.87 10.42 1.85
C GLU A 116 38.38 10.40 1.96
N ILE A 117 39.01 11.52 1.52
CA ILE A 117 40.44 11.78 1.58
C ILE A 117 40.74 12.48 2.88
N GLY A 118 41.59 11.87 3.69
CA GLY A 118 42.01 12.45 4.96
C GLY A 118 43.05 13.54 4.81
N LEU A 119 43.48 14.11 5.94
CA LEU A 119 44.48 15.17 5.93
C LEU A 119 45.72 14.76 6.71
N THR A 120 46.87 15.33 6.32
CA THR A 120 48.14 15.15 7.01
C THR A 120 48.09 16.04 8.25
N ASP A 121 49.14 16.04 9.07
CA ASP A 121 49.19 16.90 10.26
C ASP A 121 49.36 18.37 9.82
N ASP A 122 49.86 18.57 8.58
CA ASP A 122 50.07 19.86 7.89
C ASP A 122 48.76 20.41 7.26
N LEU A 123 47.66 19.61 7.36
CA LEU A 123 46.30 19.90 6.88
C LEU A 123 46.21 19.85 5.35
N LEU A 124 47.14 19.14 4.74
CA LEU A 124 47.22 18.87 3.31
C LEU A 124 46.54 17.54 2.98
N LEU A 125 46.16 17.32 1.72
CA LEU A 125 45.51 16.06 1.33
C LEU A 125 46.46 14.88 1.54
N ASP A 126 45.94 13.78 2.16
CA ASP A 126 46.72 12.57 2.44
C ASP A 126 47.06 11.89 1.13
N PRO A 127 48.36 11.77 0.81
CA PRO A 127 48.76 11.17 -0.48
C PRO A 127 48.30 9.73 -0.70
N ASN A 128 48.14 8.95 0.40
CA ASN A 128 47.72 7.55 0.35
C ASN A 128 46.29 7.43 -0.07
N ASP A 129 45.42 8.33 0.43
CA ASP A 129 44.01 8.37 0.06
C ASP A 129 43.86 8.94 -1.36
N LEU A 130 44.66 9.98 -1.69
CA LEU A 130 44.66 10.65 -2.99
C LEU A 130 45.06 9.67 -4.10
N ALA A 131 45.87 8.67 -3.77
CA ALA A 131 46.31 7.62 -4.68
C ALA A 131 45.18 6.60 -4.97
N GLN A 132 44.11 6.58 -4.14
CA GLN A 132 43.00 5.65 -4.29
CA GLN A 132 42.99 5.65 -4.30
C GLN A 132 41.94 6.22 -5.25
N VAL A 133 42.12 7.48 -5.71
CA VAL A 133 41.19 8.12 -6.66
C VAL A 133 41.26 7.36 -7.99
N SER A 134 40.08 6.97 -8.57
CA SER A 134 39.98 6.20 -9.84
C SER A 134 39.08 6.90 -10.84
N ARG A 135 39.03 6.41 -12.10
CA ARG A 135 38.23 7.02 -13.17
C ARG A 135 36.72 6.78 -12.96
N ASP A 136 36.35 6.00 -11.93
CA ASP A 136 34.97 5.75 -11.49
C ASP A 136 34.54 6.79 -10.48
N ASP A 137 35.46 7.66 -10.05
CA ASP A 137 35.20 8.65 -9.01
C ASP A 137 34.96 10.03 -9.55
N CYS A 138 34.04 10.74 -8.86
CA CYS A 138 33.72 12.13 -9.04
C CYS A 138 34.26 12.87 -7.83
N VAL A 139 35.36 13.61 -8.00
CA VAL A 139 36.04 14.26 -6.90
C VAL A 139 35.53 15.68 -6.76
N VAL A 140 35.03 16.01 -5.56
CA VAL A 140 34.48 17.34 -5.20
C VAL A 140 35.34 17.91 -4.06
N LEU A 141 36.15 18.93 -4.37
CA LEU A 141 37.03 19.59 -3.39
C LEU A 141 36.89 21.11 -3.41
N ALA A 142 37.05 21.73 -2.22
CA ALA A 142 37.02 23.19 -2.08
C ALA A 142 38.44 23.73 -2.18
N ASN A 143 38.67 24.73 -3.07
CA ASN A 143 39.99 25.35 -3.26
C ASN A 143 39.85 26.89 -3.28
N PRO A 144 40.29 27.64 -2.23
CA PRO A 144 40.93 27.18 -0.96
C PRO A 144 39.94 26.36 -0.13
N SER A 145 40.46 25.50 0.75
CA SER A 145 39.61 24.64 1.59
C SER A 145 39.01 25.35 2.81
N ASN A 146 37.80 24.95 3.17
CA ASN A 146 37.08 25.37 4.37
C ASN A 146 37.05 24.17 5.31
N PRO A 147 37.64 24.22 6.55
CA PRO A 147 38.12 25.39 7.30
C PRO A 147 39.66 25.54 7.41
N THR A 148 40.45 24.78 6.62
CA THR A 148 41.92 24.80 6.74
C THR A 148 42.54 26.04 6.10
N GLY A 149 41.88 26.58 5.10
CA GLY A 149 42.36 27.74 4.36
C GLY A 149 43.49 27.40 3.43
N GLN A 150 43.75 26.11 3.22
CA GLN A 150 44.81 25.60 2.36
C GLN A 150 44.35 25.54 0.93
N ALA A 151 45.31 25.80 0.02
CA ALA A 151 45.14 25.73 -1.42
C ALA A 151 45.74 24.45 -2.00
N LEU A 152 45.09 23.87 -3.03
CA LEU A 152 45.58 22.68 -3.72
C LEU A 152 46.85 22.97 -4.45
N SER A 153 47.86 22.10 -4.29
CA SER A 153 49.14 22.31 -4.98
C SER A 153 49.04 21.93 -6.47
N ALA A 154 50.02 22.38 -7.27
CA ALA A 154 50.14 22.07 -8.69
C ALA A 154 50.13 20.54 -8.91
N GLY A 155 50.89 19.83 -8.07
CA GLY A 155 51.01 18.38 -8.05
C GLY A 155 49.71 17.68 -7.71
N GLU A 156 48.97 18.20 -6.72
CA GLU A 156 47.68 17.65 -6.31
C GLU A 156 46.67 17.77 -7.47
N LEU A 157 46.50 18.98 -8.04
CA LEU A 157 45.61 19.24 -9.17
C LEU A 157 45.98 18.40 -10.39
N ASP A 158 47.31 18.27 -10.66
CA ASP A 158 47.87 17.49 -11.77
C ASP A 158 47.48 16.02 -11.59
N GLN A 159 47.65 15.45 -10.37
CA GLN A 159 47.31 14.08 -10.03
C GLN A 159 45.81 13.85 -10.16
N LEU A 160 44.96 14.77 -9.64
CA LEU A 160 43.50 14.68 -9.71
C LEU A 160 43.00 14.66 -11.15
N ARG A 161 43.55 15.56 -12.01
CA ARG A 161 43.14 15.68 -13.41
C ARG A 161 43.50 14.41 -14.23
N GLN A 162 44.53 13.63 -13.78
CA GLN A 162 45.02 12.40 -14.42
CA GLN A 162 45.01 12.40 -14.43
C GLN A 162 44.26 11.16 -13.89
N ARG A 163 43.94 11.15 -12.58
CA ARG A 163 43.29 10.01 -11.92
C ARG A 163 41.74 10.08 -11.84
N ALA A 164 41.11 11.25 -11.67
CA ALA A 164 39.63 11.30 -11.50
C ALA A 164 38.87 11.10 -12.81
N GLY A 165 37.63 10.60 -12.67
CA GLY A 165 36.65 10.44 -13.74
C GLY A 165 36.04 11.79 -14.06
N LYS A 166 35.59 12.51 -12.99
CA LYS A 166 35.05 13.87 -12.98
C LYS A 166 35.66 14.65 -11.84
N LEU A 167 35.82 15.96 -11.99
CA LEU A 167 36.34 16.83 -10.94
C LEU A 167 35.56 18.12 -10.83
N LEU A 168 35.08 18.43 -9.61
CA LEU A 168 34.41 19.69 -9.29
C LEU A 168 35.27 20.46 -8.28
N ILE A 169 35.71 21.66 -8.64
CA ILE A 169 36.49 22.50 -7.74
C ILE A 169 35.59 23.62 -7.27
N ASP A 170 35.31 23.64 -5.97
CA ASP A 170 34.49 24.65 -5.33
C ASP A 170 35.39 25.83 -4.95
N GLU A 171 35.37 26.89 -5.76
CA GLU A 171 36.21 28.07 -5.58
C GLU A 171 35.48 29.20 -4.83
N THR A 172 34.70 28.86 -3.76
CA THR A 172 33.96 29.81 -2.93
C THR A 172 34.91 30.89 -2.34
N TYR A 173 36.11 30.49 -1.93
CA TYR A 173 37.02 31.45 -1.27
C TYR A 173 38.17 31.94 -2.16
N VAL A 174 38.09 31.73 -3.49
CA VAL A 174 39.17 32.12 -4.43
C VAL A 174 39.47 33.65 -4.40
N ASP A 175 38.48 34.52 -4.11
CA ASP A 175 38.70 35.97 -4.13
C ASP A 175 39.70 36.47 -3.02
N TYR A 176 39.99 35.64 -2.03
CA TYR A 176 40.96 35.98 -0.98
C TYR A 176 42.28 35.23 -1.21
N SER A 177 42.42 34.55 -2.37
CA SER A 177 43.60 33.74 -2.64
C SER A 177 44.70 34.51 -3.42
N SER A 178 45.77 33.75 -3.73
CA SER A 178 46.96 34.20 -4.45
C SER A 178 46.89 33.78 -5.92
N PHE A 179 45.82 33.07 -6.31
CA PHE A 179 45.67 32.54 -7.66
C PHE A 179 44.40 33.09 -8.35
N ARG A 180 44.05 34.36 -8.09
CA ARG A 180 42.91 35.01 -8.73
C ARG A 180 43.13 35.21 -10.23
N ALA A 181 44.39 35.43 -10.66
CA ALA A 181 44.78 35.64 -12.06
C ALA A 181 44.46 34.41 -12.95
N ARG A 182 44.63 33.20 -12.38
CA ARG A 182 44.37 31.90 -12.98
C ARG A 182 42.90 31.83 -13.44
N GLY A 183 42.64 31.45 -14.68
CA GLY A 183 41.27 31.45 -15.18
C GLY A 183 40.28 30.46 -14.55
N LEU A 184 39.07 30.40 -15.15
CA LEU A 184 38.08 29.40 -14.81
C LEU A 184 38.53 28.13 -15.49
N ALA A 185 38.77 27.07 -14.72
CA ALA A 185 39.25 25.81 -15.27
C ALA A 185 38.10 24.81 -15.36
N TYR A 186 37.60 24.59 -16.58
CA TYR A 186 36.52 23.66 -16.85
C TYR A 186 36.76 23.04 -18.23
N GLY A 187 36.23 21.84 -18.43
CA GLY A 187 36.35 21.08 -19.66
C GLY A 187 35.53 19.81 -19.62
N GLU A 188 35.81 18.88 -20.54
CA GLU A 188 35.10 17.60 -20.73
C GLU A 188 34.78 16.92 -19.37
N ASN A 189 35.76 16.85 -18.44
CA ASN A 189 35.61 16.15 -17.16
C ASN A 189 35.91 17.02 -15.94
N GLU A 190 35.78 18.34 -16.09
CA GLU A 190 36.08 19.26 -15.00
C GLU A 190 35.08 20.42 -15.00
N LEU A 191 34.59 20.72 -13.80
CA LEU A 191 33.67 21.81 -13.53
C LEU A 191 34.20 22.70 -12.39
N VAL A 192 33.77 23.95 -12.34
CA VAL A 192 34.21 24.87 -11.27
C VAL A 192 32.95 25.63 -10.76
N PHE A 193 32.88 25.83 -9.44
CA PHE A 193 31.80 26.58 -8.80
C PHE A 193 32.34 27.87 -8.14
N ARG A 194 31.62 28.99 -8.33
CA ARG A 194 31.90 30.30 -7.72
C ARG A 194 30.68 30.74 -6.92
N SER A 195 30.90 31.28 -5.70
CA SER A 195 29.85 31.75 -4.78
C SER A 195 29.74 33.28 -4.80
N PHE A 196 28.51 33.82 -4.60
CA PHE A 196 28.33 35.27 -4.51
C PHE A 196 28.09 35.66 -3.05
N SER A 197 28.29 34.71 -2.13
CA SER A 197 28.01 34.87 -0.70
C SER A 197 29.11 35.62 0.08
N LYS A 198 30.38 35.57 -0.38
CA LYS A 198 31.47 36.15 0.41
C LYS A 198 31.84 37.52 -0.14
N SER A 199 32.93 37.61 -0.91
CA SER A 199 33.44 38.83 -1.51
C SER A 199 32.36 39.71 -2.17
N TYR A 200 31.33 39.07 -2.81
CA TYR A 200 30.24 39.77 -3.51
C TYR A 200 29.14 40.27 -2.54
N GLY A 201 29.16 39.78 -1.29
CA GLY A 201 28.23 40.19 -0.24
C GLY A 201 26.76 39.83 -0.39
N LEU A 202 26.45 38.70 -1.05
CA LEU A 202 25.05 38.26 -1.20
C LEU A 202 24.77 36.96 -0.42
N ALA A 203 25.40 36.76 0.76
CA ALA A 203 25.25 35.54 1.58
C ALA A 203 23.76 35.20 1.86
N GLY A 204 22.94 36.21 2.10
CA GLY A 204 21.54 36.04 2.40
C GLY A 204 20.69 35.61 1.22
N LEU A 205 21.26 35.62 -0.01
CA LEU A 205 20.52 35.24 -1.23
C LEU A 205 20.87 33.83 -1.66
N ARG A 206 22.03 33.33 -1.17
CA ARG A 206 22.56 31.99 -1.45
C ARG A 206 22.49 31.71 -2.99
N LEU A 207 23.37 32.41 -3.76
CA LEU A 207 23.52 32.28 -5.19
C LEU A 207 24.95 31.87 -5.54
N GLY A 208 25.09 31.20 -6.68
CA GLY A 208 26.36 30.74 -7.19
C GLY A 208 26.30 30.49 -8.68
N ALA A 209 27.48 30.36 -9.30
CA ALA A 209 27.64 30.10 -10.72
C ALA A 209 28.47 28.85 -10.94
N LEU A 210 27.93 27.89 -11.73
CA LEU A 210 28.62 26.64 -12.07
C LEU A 210 29.10 26.71 -13.50
N PHE A 211 30.37 26.39 -13.72
CA PHE A 211 30.98 26.41 -15.06
C PHE A 211 31.38 25.00 -15.45
N GLY A 212 31.07 24.63 -16.69
CA GLY A 212 31.38 23.30 -17.20
C GLY A 212 31.20 23.16 -18.69
N PRO A 213 31.35 21.90 -19.19
CA PRO A 213 31.15 21.64 -20.64
C PRO A 213 29.69 21.87 -21.05
N SER A 214 29.48 22.47 -22.24
CA SER A 214 28.20 22.96 -22.73
C SER A 214 27.09 21.89 -22.78
N GLU A 215 27.41 20.65 -23.19
CA GLU A 215 26.39 19.58 -23.29
CA GLU A 215 26.43 19.56 -23.30
C GLU A 215 25.85 19.24 -21.90
N LEU A 216 26.73 19.01 -20.90
CA LEU A 216 26.35 18.70 -19.50
C LEU A 216 25.56 19.85 -18.87
N ILE A 217 26.02 21.11 -19.04
CA ILE A 217 25.35 22.31 -18.52
C ILE A 217 23.90 22.37 -19.09
N ALA A 218 23.74 22.13 -20.40
CA ALA A 218 22.43 22.16 -21.09
C ALA A 218 21.44 21.12 -20.49
N ALA A 219 21.94 19.89 -20.19
CA ALA A 219 21.12 18.82 -19.62
C ALA A 219 20.70 19.14 -18.17
N LYS A 221 20.47 22.37 -16.89
CA LYS A 221 19.57 23.53 -17.04
C LYS A 221 18.16 23.09 -17.29
N ARG A 222 18.00 22.03 -18.10
CA ARG A 222 16.74 21.37 -18.45
C ARG A 222 16.01 20.84 -17.18
N LYS A 223 16.78 20.45 -16.16
CA LYS A 223 16.20 19.88 -14.94
C LYS A 223 15.92 20.97 -13.87
N GLN A 224 16.43 22.20 -14.08
CA GLN A 224 16.21 23.29 -13.13
C GLN A 224 14.75 23.71 -13.10
N TRP A 225 14.34 24.30 -11.97
CA TRP A 225 12.98 24.71 -11.77
C TRP A 225 12.68 25.97 -12.53
N PHE A 226 11.42 26.16 -12.93
CA PHE A 226 11.00 27.37 -13.59
C PHE A 226 11.13 28.56 -12.61
N CYS A 227 11.75 29.68 -13.07
CA CYS A 227 11.94 30.90 -12.29
C CYS A 227 12.65 30.55 -10.95
N ASN A 228 13.71 29.74 -11.06
CA ASN A 228 14.52 29.26 -9.93
C ASN A 228 15.06 30.44 -9.10
N VAL A 229 15.48 31.53 -9.77
CA VAL A 229 15.99 32.77 -9.14
C VAL A 229 15.03 33.92 -9.51
N GLY A 230 14.34 34.42 -8.52
CA GLY A 230 13.34 35.47 -8.68
C GLY A 230 13.88 36.84 -9.04
N THR A 231 12.96 37.74 -9.35
CA THR A 231 13.24 39.11 -9.77
C THR A 231 14.08 39.90 -8.74
N LEU A 232 13.85 39.74 -7.42
CA LEU A 232 14.62 40.48 -6.40
C LEU A 232 16.09 40.00 -6.38
N ASP A 233 16.33 38.67 -6.37
CA ASP A 233 17.67 38.12 -6.34
C ASP A 233 18.42 38.43 -7.65
N LEU A 234 17.71 38.37 -8.80
CA LEU A 234 18.31 38.69 -10.11
C LEU A 234 18.78 40.16 -10.19
N HIS A 235 17.96 41.14 -9.75
CA HIS A 235 18.37 42.55 -9.77
C HIS A 235 19.47 42.82 -8.75
N ALA A 236 19.49 42.05 -7.65
CA ALA A 236 20.53 42.16 -6.63
C ALA A 236 21.87 41.71 -7.21
N LEU A 237 21.90 40.48 -7.77
CA LEU A 237 23.07 39.88 -8.39
C LEU A 237 23.62 40.78 -9.50
N GLU A 238 22.73 41.29 -10.37
CA GLU A 238 23.11 42.17 -11.47
C GLU A 238 23.90 43.40 -10.96
N ALA A 239 23.43 44.04 -9.86
CA ALA A 239 24.07 45.20 -9.25
C ALA A 239 25.38 44.81 -8.59
N ALA A 240 25.45 43.61 -7.97
CA ALA A 240 26.66 43.13 -7.29
C ALA A 240 27.80 42.87 -8.29
N LEU A 241 27.48 42.60 -9.56
CA LEU A 241 28.47 42.32 -10.59
C LEU A 241 29.10 43.63 -11.11
N ASP A 242 28.36 44.74 -11.03
CA ASP A 242 28.89 46.03 -11.41
C ASP A 242 29.25 46.81 -10.11
N ASN A 243 30.07 46.18 -9.24
CA ASN A 243 30.46 46.73 -7.93
C ASN A 243 31.92 46.31 -7.59
N ASP A 244 32.80 46.38 -8.62
CA ASP A 244 34.19 45.96 -8.51
C ASP A 244 34.99 46.87 -7.55
N ARG A 245 34.70 48.17 -7.48
CA ARG A 245 35.42 49.10 -6.62
C ARG A 245 35.30 48.66 -5.15
N ALA A 246 34.07 48.43 -4.65
CA ALA A 246 33.78 48.01 -3.27
C ALA A 246 34.32 46.60 -2.99
N ARG A 247 34.17 45.68 -3.96
CA ARG A 247 34.59 44.30 -3.85
C ARG A 247 36.11 44.22 -3.72
N GLU A 248 36.86 45.00 -4.52
CA GLU A 248 38.33 45.04 -4.47
C GLU A 248 38.85 45.66 -3.17
N ALA A 249 38.12 46.66 -2.64
CA ALA A 249 38.45 47.32 -1.37
C ALA A 249 38.25 46.35 -0.19
N HIS A 250 37.19 45.51 -0.26
CA HIS A 250 36.89 44.50 0.75
C HIS A 250 37.96 43.40 0.72
N ILE A 251 38.37 42.96 -0.47
CA ILE A 251 39.38 41.92 -0.65
C ILE A 251 40.71 42.42 -0.06
N ALA A 252 41.15 43.64 -0.43
CA ALA A 252 42.39 44.26 0.01
C ALA A 252 42.45 44.36 1.54
N LYS A 253 41.37 44.88 2.16
CA LYS A 253 41.23 45.04 3.62
C LYS A 253 41.24 43.68 4.31
N THR A 254 40.55 42.67 3.74
CA THR A 254 40.51 41.33 4.31
C THR A 254 41.94 40.71 4.30
N LEU A 255 42.71 40.84 3.19
CA LEU A 255 44.08 40.29 3.09
C LEU A 255 45.02 40.91 4.15
N ALA A 256 44.86 42.22 4.40
CA ALA A 256 45.65 43.00 5.35
C ALA A 256 45.28 42.67 6.80
N GLN A 257 43.97 42.55 7.09
CA GLN A 257 43.47 42.21 8.43
C GLN A 257 43.77 40.73 8.76
N ARG A 258 43.76 39.83 7.74
CA ARG A 258 44.13 38.41 7.91
C ARG A 258 45.61 38.31 8.34
N ARG A 259 46.47 39.14 7.72
CA ARG A 259 47.88 39.20 8.05
C ARG A 259 48.05 39.72 9.50
N ARG A 260 47.34 40.81 9.86
CA ARG A 260 47.35 41.39 11.21
C ARG A 260 46.94 40.36 12.27
N VAL A 261 45.75 39.74 12.09
CA VAL A 261 45.19 38.80 13.06
C VAL A 261 46.13 37.57 13.21
N ALA A 262 46.61 36.98 12.08
CA ALA A 262 47.51 35.83 12.11
C ALA A 262 48.82 36.16 12.87
N ASP A 263 49.46 37.30 12.55
CA ASP A 263 50.72 37.70 13.19
C ASP A 263 50.52 38.00 14.68
N ALA A 264 49.45 38.72 15.04
CA ALA A 264 49.15 39.09 16.43
C ALA A 264 48.86 37.86 17.29
N LEU A 265 48.04 36.90 16.78
CA LEU A 265 47.72 35.68 17.53
C LEU A 265 48.97 34.83 17.74
N ARG A 266 49.87 34.71 16.72
CA ARG A 266 51.10 33.93 16.85
C ARG A 266 52.04 34.56 17.88
N GLY A 267 52.01 35.89 17.98
CA GLY A 267 52.78 36.65 18.96
C GLY A 267 52.25 36.46 20.37
N LEU A 268 50.95 36.13 20.50
CA LEU A 268 50.27 35.84 21.77
C LEU A 268 50.46 34.35 22.17
N GLY A 269 51.09 33.56 21.28
CA GLY A 269 51.37 32.16 21.52
C GLY A 269 50.46 31.15 20.88
N TYR A 270 49.44 31.61 20.14
CA TYR A 270 48.48 30.73 19.45
C TYR A 270 49.12 30.10 18.20
N ARG A 271 48.65 28.90 17.84
CA ARG A 271 49.15 28.21 16.64
C ARG A 271 48.10 28.39 15.55
N VAL A 272 48.44 29.25 14.61
CA VAL A 272 47.57 29.65 13.51
C VAL A 272 48.08 29.02 12.23
N ALA A 273 47.15 28.51 11.41
CA ALA A 273 47.46 27.93 10.12
C ALA A 273 47.45 28.99 9.02
N SER A 274 48.29 28.82 7.97
CA SER A 274 48.28 29.69 6.79
C SER A 274 46.87 29.64 6.16
N SER A 275 46.44 30.74 5.54
CA SER A 275 45.11 30.78 4.93
C SER A 275 45.12 31.53 3.64
N GLU A 276 44.29 31.06 2.69
CA GLU A 276 44.06 31.67 1.38
C GLU A 276 42.62 32.16 1.29
N ALA A 277 41.87 32.07 2.39
CA ALA A 277 40.45 32.48 2.45
C ALA A 277 40.29 33.67 3.42
N ASN A 278 39.05 34.08 3.77
CA ASN A 278 38.76 35.23 4.63
C ASN A 278 38.65 34.85 6.12
N PHE A 279 39.43 33.86 6.55
CA PHE A 279 39.42 33.36 7.93
C PHE A 279 40.73 32.72 8.26
N VAL A 280 40.95 32.36 9.55
CA VAL A 280 42.17 31.66 9.98
C VAL A 280 41.79 30.49 10.89
N LEU A 281 42.45 29.31 10.71
CA LEU A 281 42.25 28.16 11.58
C LEU A 281 43.25 28.23 12.72
N VAL A 282 42.77 28.22 13.98
CA VAL A 282 43.60 28.33 15.18
C VAL A 282 43.45 27.06 16.05
N GLU A 283 44.57 26.55 16.60
CA GLU A 283 44.59 25.40 17.51
C GLU A 283 43.87 25.76 18.81
N ASN A 284 42.99 24.86 19.27
CA ASN A 284 42.23 25.11 20.50
C ASN A 284 42.15 23.84 21.37
N ALA A 285 43.25 23.49 22.03
CA ALA A 285 43.29 22.32 22.92
C ALA A 285 42.31 22.47 24.11
N ALA A 286 42.06 23.72 24.54
CA ALA A 286 41.17 24.05 25.66
C ALA A 286 39.69 23.69 25.40
N GLY A 287 39.34 23.44 24.13
CA GLY A 287 38.00 23.05 23.72
C GLY A 287 36.95 24.11 23.94
N GLU A 288 35.78 23.70 24.45
CA GLU A 288 34.60 24.52 24.75
C GLU A 288 34.93 25.71 25.68
N ARG A 289 35.87 25.55 26.64
CA ARG A 289 36.28 26.59 27.58
C ARG A 289 36.57 27.93 26.86
N THR A 290 37.19 27.86 25.66
CA THR A 290 37.56 29.02 24.86
C THR A 290 36.31 29.67 24.28
N LEU A 291 35.41 28.86 23.69
CA LEU A 291 34.16 29.33 23.07
C LEU A 291 33.27 30.02 24.11
N ARG A 292 33.17 29.43 25.31
CA ARG A 292 32.40 29.95 26.45
C ARG A 292 32.97 31.31 26.90
N PHE A 293 34.32 31.43 26.99
CA PHE A 293 35.06 32.66 27.32
C PHE A 293 34.73 33.79 26.34
N LEU A 294 34.84 33.51 25.03
CA LEU A 294 34.57 34.45 23.97
C LEU A 294 33.08 34.82 23.91
N ARG A 295 32.13 33.87 24.17
CA ARG A 295 30.69 34.16 24.17
C ARG A 295 30.35 35.12 25.32
N GLU A 296 31.06 35.00 26.47
CA GLU A 296 30.88 35.90 27.61
C GLU A 296 31.24 37.32 27.24
N ARG A 297 32.17 37.48 26.28
CA ARG A 297 32.66 38.79 25.83
C ARG A 297 32.01 39.19 24.51
N GLY A 298 30.89 38.55 24.18
CA GLY A 298 30.11 38.80 22.97
C GLY A 298 30.84 38.58 21.65
N ILE A 299 31.80 37.64 21.64
CA ILE A 299 32.58 37.30 20.47
C ILE A 299 32.18 35.90 20.04
N GLN A 300 31.70 35.78 18.79
CA GLN A 300 31.20 34.52 18.26
C GLN A 300 32.15 33.98 17.17
N VAL A 301 32.85 32.88 17.45
CA VAL A 301 33.74 32.23 16.46
C VAL A 301 33.10 30.86 16.09
N LYS A 302 33.71 30.10 15.15
CA LYS A 302 33.21 28.80 14.70
C LYS A 302 34.04 27.66 15.27
N ASP A 303 33.36 26.62 15.80
CA ASP A 303 33.99 25.39 16.28
C ASP A 303 34.27 24.51 15.05
N ALA A 304 35.55 24.30 14.72
CA ALA A 304 35.95 23.54 13.54
C ALA A 304 35.67 22.01 13.70
N GLY A 305 35.10 21.61 14.85
CA GLY A 305 34.67 20.24 15.13
C GLY A 305 33.58 19.81 14.15
N GLN A 306 32.82 20.80 13.64
CA GLN A 306 31.77 20.68 12.65
C GLN A 306 32.29 20.08 11.36
N PHE A 307 33.58 20.32 11.06
CA PHE A 307 34.26 19.89 9.85
C PHE A 307 35.25 18.72 10.10
N GLY A 308 35.24 18.17 11.32
CA GLY A 308 36.08 17.04 11.69
C GLY A 308 37.39 17.44 12.34
N LEU A 309 37.60 18.76 12.51
CA LEU A 309 38.79 19.32 13.13
C LEU A 309 38.48 19.79 14.53
N HIS A 310 38.22 18.84 15.44
CA HIS A 310 37.93 19.11 16.84
C HIS A 310 39.13 19.76 17.48
N HIS A 311 38.89 20.58 18.51
CA HIS A 311 39.92 21.28 19.25
C HIS A 311 40.72 22.23 18.31
N HIS A 312 39.94 22.92 17.46
CA HIS A 312 40.32 23.96 16.52
C HIS A 312 39.19 24.97 16.42
N ILE A 313 39.50 26.22 16.14
CA ILE A 313 38.46 27.23 15.93
C ILE A 313 38.77 27.95 14.61
N ARG A 314 37.73 28.29 13.87
CA ARG A 314 37.83 29.02 12.63
C ARG A 314 37.35 30.43 12.90
N ILE A 315 38.27 31.38 12.89
CA ILE A 315 37.98 32.80 13.16
C ILE A 315 37.87 33.54 11.84
N SER A 316 36.70 34.15 11.57
CA SER A 316 36.55 34.95 10.34
C SER A 316 37.26 36.31 10.50
N ILE A 317 37.60 36.94 9.37
CA ILE A 317 38.25 38.26 9.37
C ILE A 317 37.16 39.27 9.04
N GLY A 318 36.79 40.10 10.02
CA GLY A 318 35.76 41.13 9.87
C GLY A 318 36.34 42.50 9.64
N ARG A 319 35.61 43.56 10.04
CA ARG A 319 36.17 44.91 9.95
C ARG A 319 37.27 45.10 11.04
N GLU A 320 38.08 46.15 10.91
CA GLU A 320 39.18 46.46 11.81
C GLU A 320 38.73 46.47 13.30
N GLU A 321 37.62 47.15 13.63
CA GLU A 321 37.10 47.26 15.00
C GLU A 321 36.66 45.88 15.57
N ASP A 322 36.15 44.97 14.69
CA ASP A 322 35.74 43.59 15.06
C ASP A 322 36.96 42.73 15.43
N ASN A 323 37.98 42.77 14.57
CA ASN A 323 39.25 42.08 14.73
C ASN A 323 39.99 42.61 15.98
N ASP A 324 39.82 43.93 16.28
CA ASP A 324 40.36 44.59 17.50
C ASP A 324 39.78 43.89 18.76
N ARG A 325 38.43 43.70 18.78
CA ARG A 325 37.67 43.07 19.87
C ARG A 325 38.15 41.63 20.10
N LEU A 326 38.29 40.84 19.02
CA LEU A 326 38.76 39.47 19.06
C LEU A 326 40.17 39.37 19.63
N LEU A 327 41.09 40.17 19.09
CA LEU A 327 42.49 40.14 19.52
C LEU A 327 42.63 40.53 21.01
N ALA A 328 41.82 41.51 21.48
CA ALA A 328 41.87 41.94 22.88
C ALA A 328 41.38 40.83 23.82
N ALA A 329 40.33 40.10 23.41
CA ALA A 329 39.78 38.97 24.19
C ALA A 329 40.75 37.80 24.25
N LEU A 330 41.38 37.41 23.12
CA LEU A 330 42.32 36.28 23.11
C LEU A 330 43.68 36.72 23.70
N ALA A 331 43.95 38.03 23.78
CA ALA A 331 45.16 38.48 24.49
C ALA A 331 44.95 38.22 25.98
N GLU A 332 43.74 38.52 26.48
CA GLU A 332 43.31 38.30 27.86
C GLU A 332 43.31 36.81 28.19
N TYR A 333 42.80 35.96 27.26
CA TYR A 333 42.71 34.51 27.42
C TYR A 333 44.11 33.84 27.46
N SER A 334 45.14 34.41 26.79
CA SER A 334 46.50 33.82 26.77
C SER A 334 47.21 33.98 28.15
N ASP A 335 46.54 34.63 29.12
CA ASP A 335 47.01 34.79 30.50
C ASP A 335 46.32 33.77 31.40
N ALA B 18 2.75 47.04 -23.84
CA ALA B 18 1.94 45.89 -24.28
C ALA B 18 1.01 45.39 -23.17
N VAL B 19 -0.23 44.99 -23.50
CA VAL B 19 -1.19 44.46 -22.52
C VAL B 19 -0.88 42.98 -22.33
N CYS B 20 -0.32 42.58 -21.17
CA CYS B 20 -0.04 41.14 -21.09
C CYS B 20 -1.14 40.45 -20.31
N LEU B 21 -1.93 39.66 -21.05
CA LEU B 21 -3.03 38.85 -20.53
C LEU B 21 -2.75 37.36 -20.83
N ALA B 22 -1.48 36.94 -20.68
CA ALA B 22 -1.11 35.58 -21.05
C ALA B 22 -0.49 34.76 -19.90
N PHE B 23 -0.15 35.35 -18.72
CA PHE B 23 0.48 34.53 -17.67
C PHE B 23 -0.25 34.53 -16.34
N ASN B 24 -1.51 34.99 -16.31
CA ASN B 24 -2.39 34.99 -15.14
C ASN B 24 -1.76 35.74 -13.95
N GLU B 25 -1.01 36.80 -14.24
CA GLU B 25 -0.35 37.60 -13.20
C GLU B 25 -1.33 38.56 -12.51
N ASN B 26 -1.02 38.91 -11.23
CA ASN B 26 -1.77 39.93 -10.48
C ASN B 26 -1.39 41.27 -11.10
N PRO B 27 -2.34 42.03 -11.70
CA PRO B 27 -1.95 43.26 -12.44
C PRO B 27 -1.77 44.50 -11.56
N GLU B 28 -2.16 44.43 -10.28
CA GLU B 28 -2.10 45.56 -9.36
C GLU B 28 -0.68 45.94 -8.98
N ALA B 29 -0.54 47.17 -8.51
CA ALA B 29 0.70 47.73 -8.02
C ALA B 29 1.06 47.06 -6.70
N VAL B 30 2.35 46.86 -6.47
CA VAL B 30 2.87 46.21 -5.27
C VAL B 30 2.61 47.16 -4.08
N GLU B 31 1.95 46.66 -3.03
CA GLU B 31 1.62 47.45 -1.83
C GLU B 31 2.87 48.09 -1.21
N PRO B 32 2.76 49.37 -0.75
CA PRO B 32 3.93 50.06 -0.17
C PRO B 32 4.59 49.33 1.00
N ARG B 33 3.81 48.74 1.92
CA ARG B 33 4.38 48.05 3.08
C ARG B 33 5.22 46.83 2.62
N VAL B 34 4.88 46.16 1.49
CA VAL B 34 5.63 45.03 0.93
C VAL B 34 6.96 45.57 0.34
N GLN B 35 6.90 46.72 -0.38
CA GLN B 35 8.09 47.35 -0.96
C GLN B 35 9.04 47.82 0.14
N ALA B 36 8.51 48.43 1.22
CA ALA B 36 9.30 48.90 2.37
C ALA B 36 10.00 47.74 3.08
N ALA B 37 9.30 46.60 3.29
CA ALA B 37 9.88 45.41 3.93
C ALA B 37 11.09 44.90 3.12
N ILE B 38 10.99 44.97 1.77
CA ILE B 38 12.06 44.53 0.86
C ILE B 38 13.23 45.51 1.01
N ALA B 39 12.97 46.82 0.98
CA ALA B 39 13.98 47.89 1.09
C ALA B 39 14.79 47.80 2.41
N ALA B 40 14.13 47.34 3.48
CA ALA B 40 14.75 47.18 4.78
C ALA B 40 15.62 45.92 4.81
N ALA B 41 15.15 44.82 4.17
CA ALA B 41 15.92 43.58 4.11
C ALA B 41 17.16 43.76 3.23
N ALA B 42 17.10 44.68 2.25
CA ALA B 42 18.18 44.96 1.29
C ALA B 42 19.46 45.39 2.00
N ALA B 43 19.36 46.02 3.18
CA ALA B 43 20.52 46.49 3.92
C ALA B 43 21.25 45.35 4.69
N ARG B 44 20.67 44.15 4.72
CA ARG B 44 21.24 43.00 5.44
C ARG B 44 21.40 41.74 4.55
N ILE B 45 21.47 41.90 3.22
CA ILE B 45 21.61 40.77 2.28
C ILE B 45 23.00 40.10 2.41
N ASN B 46 23.95 40.73 3.13
CA ASN B 46 25.30 40.21 3.33
C ASN B 46 25.35 39.15 4.44
N ARG B 47 24.24 38.96 5.18
CA ARG B 47 24.13 38.03 6.29
C ARG B 47 23.10 36.92 6.02
N TYR B 48 23.37 35.71 6.52
CA TYR B 48 22.43 34.58 6.37
C TYR B 48 21.13 34.89 7.17
N PRO B 49 19.93 34.61 6.61
CA PRO B 49 18.68 34.95 7.32
C PRO B 49 18.33 33.89 8.38
N PHE B 50 19.23 33.67 9.35
CA PHE B 50 19.08 32.64 10.39
C PHE B 50 17.89 32.90 11.31
N ASP B 51 17.52 34.16 11.54
CA ASP B 51 16.38 34.47 12.39
C ASP B 51 15.11 34.62 11.57
N ALA B 52 15.21 35.14 10.32
CA ALA B 52 14.08 35.38 9.43
C ALA B 52 13.43 34.06 8.91
N GLU B 53 14.22 32.99 8.57
CA GLU B 53 13.62 31.75 8.04
CA GLU B 53 13.67 31.69 8.09
C GLU B 53 12.63 31.14 9.08
N PRO B 54 13.00 30.85 10.38
CA PRO B 54 12.00 30.29 11.32
C PRO B 54 10.82 31.21 11.61
N ARG B 55 11.06 32.53 11.62
CA ARG B 55 10.03 33.53 11.88
C ARG B 55 8.96 33.52 10.78
N VAL B 56 9.36 33.43 9.50
CA VAL B 56 8.44 33.41 8.36
C VAL B 56 7.68 32.05 8.36
N ARG B 58 6.72 30.34 10.95
CA ARG B 58 5.71 30.54 11.99
C ARG B 58 4.61 31.47 11.51
N LYS B 59 4.97 32.50 10.71
CA LYS B 59 4.02 33.43 10.13
C LYS B 59 3.08 32.70 9.14
N LEU B 60 3.63 31.79 8.32
CA LEU B 60 2.88 30.94 7.37
C LEU B 60 1.90 30.06 8.12
N ALA B 61 2.37 29.45 9.25
CA ALA B 61 1.60 28.58 10.14
C ALA B 61 0.39 29.32 10.70
N GLU B 62 0.60 30.59 11.12
CA GLU B 62 -0.45 31.49 11.60
C GLU B 62 -1.48 31.80 10.51
N HIS B 63 -0.98 32.19 9.34
CA HIS B 63 -1.77 32.58 8.20
C HIS B 63 -2.71 31.44 7.76
N PHE B 64 -2.18 30.22 7.61
CA PHE B 64 -2.97 29.08 7.12
C PHE B 64 -3.62 28.29 8.28
N SER B 65 -3.45 28.76 9.54
CA SER B 65 -4.01 28.23 10.77
C SER B 65 -3.78 26.70 10.88
N CYS B 66 -2.52 26.30 10.75
CA CYS B 66 -2.13 24.89 10.85
C CYS B 66 -0.80 24.80 11.59
N PRO B 67 -0.38 23.62 12.09
CA PRO B 67 0.95 23.54 12.71
C PRO B 67 2.05 23.65 11.66
N GLU B 68 3.21 24.19 12.04
CA GLU B 68 4.36 24.36 11.14
C GLU B 68 4.85 22.99 10.63
N ASP B 69 4.55 21.92 11.38
CA ASP B 69 4.93 20.54 11.07
C ASP B 69 4.17 20.00 9.85
N ASN B 70 3.08 20.68 9.44
CA ASN B 70 2.25 20.23 8.32
C ASN B 70 2.42 21.08 7.07
N LEU B 71 3.42 22.00 7.03
CA LEU B 71 3.62 22.84 5.85
C LEU B 71 5.11 22.94 5.49
N LEU B 73 7.68 25.37 2.73
CA LEU B 73 7.87 26.51 1.82
C LEU B 73 8.68 26.01 0.64
N VAL B 74 8.18 26.20 -0.58
CA VAL B 74 8.82 25.64 -1.78
C VAL B 74 8.97 26.67 -2.90
N ARG B 75 9.89 26.39 -3.82
CA ARG B 75 10.13 27.19 -5.01
C ARG B 75 9.10 26.79 -6.10
N GLY B 76 7.83 27.10 -5.82
CA GLY B 76 6.75 26.81 -6.74
C GLY B 76 6.34 25.36 -6.89
N ILE B 77 5.43 25.12 -7.85
CA ILE B 77 4.87 23.81 -8.14
C ILE B 77 5.98 22.83 -8.66
N ASP B 78 7.08 23.33 -9.31
CA ASP B 78 8.16 22.45 -9.77
C ASP B 78 8.85 21.77 -8.59
N GLU B 79 9.26 22.54 -7.53
CA GLU B 79 9.87 21.94 -6.34
C GLU B 79 8.91 20.99 -5.66
N CYS B 80 7.67 21.42 -5.54
CA CYS B 80 6.59 20.67 -4.92
C CYS B 80 6.44 19.28 -5.56
N PHE B 81 6.32 19.24 -6.91
CA PHE B 81 6.13 18.00 -7.65
C PHE B 81 7.34 17.09 -7.50
N ASP B 82 8.56 17.66 -7.57
CA ASP B 82 9.80 16.90 -7.47
C ASP B 82 9.96 16.25 -6.10
N ARG B 83 9.78 17.01 -5.02
CA ARG B 83 10.01 16.49 -3.67
C ARG B 83 8.93 15.43 -3.30
N ILE B 84 7.67 15.58 -3.82
CA ILE B 84 6.61 14.58 -3.59
C ILE B 84 6.91 13.29 -4.38
N SER B 85 7.22 13.45 -5.69
CA SER B 85 7.47 12.28 -6.56
C SER B 85 8.71 11.49 -6.11
N ALA B 86 9.73 12.16 -5.53
CA ALA B 86 10.94 11.49 -5.02
C ALA B 86 10.60 10.53 -3.87
N GLU B 87 9.47 10.76 -3.16
CA GLU B 87 9.04 9.93 -2.03
C GLU B 87 8.12 8.79 -2.48
N PHE B 88 7.53 8.88 -3.71
CA PHE B 88 6.62 7.87 -4.26
C PHE B 88 7.02 7.43 -5.66
N SER B 89 8.33 7.31 -5.89
CA SER B 89 8.95 7.02 -7.20
C SER B 89 8.48 5.67 -7.83
N SER B 90 7.90 4.72 -7.05
CA SER B 90 7.38 3.43 -7.53
C SER B 90 5.95 3.54 -8.08
N ARG B 92 2.43 5.00 -10.06
CA ARG B 92 2.06 5.53 -11.35
C ARG B 92 1.48 6.92 -11.12
N PHE B 93 2.05 7.91 -11.79
CA PHE B 93 1.60 9.28 -11.63
C PHE B 93 0.47 9.53 -12.64
N VAL B 94 -0.63 10.11 -12.12
CA VAL B 94 -1.84 10.36 -12.90
C VAL B 94 -2.14 11.83 -12.91
N THR B 95 -2.21 12.42 -14.11
CA THR B 95 -2.48 13.84 -14.32
C THR B 95 -3.53 14.00 -15.41
N ALA B 96 -4.11 15.21 -15.53
CA ALA B 96 -5.09 15.53 -16.56
C ALA B 96 -4.41 15.99 -17.85
N TRP B 97 -4.99 15.61 -19.00
CA TRP B 97 -4.52 16.08 -20.29
C TRP B 97 -5.68 16.08 -21.29
N PRO B 98 -6.11 17.26 -21.82
CA PRO B 98 -5.57 18.61 -21.61
C PRO B 98 -5.60 19.05 -20.15
N GLY B 99 -4.60 19.83 -19.78
CA GLY B 99 -4.43 20.37 -18.44
C GLY B 99 -3.07 21.02 -18.31
N PHE B 100 -2.70 21.45 -17.11
CA PHE B 100 -1.42 22.11 -16.85
C PHE B 100 -0.24 21.21 -17.32
N ASP B 101 0.68 21.78 -18.10
CA ASP B 101 1.78 21.09 -18.76
C ASP B 101 3.05 20.91 -17.89
N GLY B 102 3.09 21.56 -16.73
CA GLY B 102 4.23 21.48 -15.83
C GLY B 102 4.51 20.12 -15.27
N TYR B 103 3.45 19.34 -14.96
CA TYR B 103 3.58 18.00 -14.39
C TYR B 103 4.23 17.10 -15.42
N ARG B 104 3.83 17.20 -16.71
CA ARG B 104 4.46 16.45 -17.80
C ARG B 104 5.98 16.65 -17.86
N ALA B 105 6.42 17.91 -17.69
CA ALA B 105 7.81 18.32 -17.77
C ALA B 105 8.63 17.70 -16.65
N ARG B 106 8.08 17.68 -15.44
CA ARG B 106 8.76 17.12 -14.27
C ARG B 106 8.81 15.58 -14.33
N ILE B 107 7.78 14.94 -14.92
CA ILE B 107 7.71 13.48 -15.11
C ILE B 107 8.78 13.08 -16.13
N ALA B 108 9.04 13.96 -17.10
CA ALA B 108 10.04 13.77 -18.16
C ALA B 108 11.45 13.71 -17.57
N VAL B 109 11.76 14.60 -16.60
CA VAL B 109 13.09 14.67 -16.03
C VAL B 109 13.31 13.54 -14.99
N SER B 110 12.25 12.86 -14.49
CA SER B 110 12.37 11.81 -13.47
C SER B 110 12.18 10.36 -13.98
N GLY B 111 11.55 10.20 -15.14
CA GLY B 111 11.32 8.89 -15.77
C GLY B 111 10.33 8.05 -14.99
N LEU B 112 9.26 8.67 -14.51
CA LEU B 112 8.23 8.03 -13.70
C LEU B 112 7.13 7.43 -14.57
N ARG B 113 6.42 6.40 -14.06
CA ARG B 113 5.29 5.82 -14.79
C ARG B 113 4.21 6.85 -14.88
N HIS B 114 3.55 6.97 -16.04
CA HIS B 114 2.57 8.03 -16.21
C HIS B 114 1.34 7.53 -16.99
N PHE B 115 0.16 7.92 -16.50
CA PHE B 115 -1.16 7.70 -17.09
C PHE B 115 -1.91 9.04 -17.07
N GLU B 116 -2.60 9.38 -18.15
CA GLU B 116 -3.31 10.65 -18.21
C GLU B 116 -4.83 10.49 -18.35
N ILE B 117 -5.57 11.34 -17.62
CA ILE B 117 -7.03 11.44 -17.63
C ILE B 117 -7.41 12.48 -18.65
N GLY B 118 -8.17 12.08 -19.65
CA GLY B 118 -8.65 12.97 -20.70
C GLY B 118 -9.82 13.82 -20.24
N LEU B 119 -10.33 14.66 -21.16
CA LEU B 119 -11.47 15.51 -20.86
C LEU B 119 -12.66 15.23 -21.76
N THR B 120 -13.88 15.47 -21.25
CA THR B 120 -15.14 15.38 -22.01
C THR B 120 -15.23 16.62 -22.89
N ASP B 121 -16.30 16.75 -23.68
CA ASP B 121 -16.50 17.93 -24.53
C ASP B 121 -16.83 19.16 -23.64
N ASP B 122 -17.32 18.90 -22.40
CA ASP B 122 -17.65 19.86 -21.35
C ASP B 122 -16.40 20.31 -20.58
N LEU B 123 -15.22 19.73 -20.90
CA LEU B 123 -13.90 20.01 -20.33
C LEU B 123 -13.79 19.49 -18.89
N LEU B 124 -14.62 18.51 -18.56
CA LEU B 124 -14.64 17.80 -17.29
C LEU B 124 -13.80 16.54 -17.38
N LEU B 125 -13.36 15.98 -16.24
CA LEU B 125 -12.55 14.74 -16.25
C LEU B 125 -13.34 13.58 -16.86
N ASP B 126 -12.70 12.83 -17.78
CA ASP B 126 -13.32 11.69 -18.46
C ASP B 126 -13.56 10.58 -17.45
N PRO B 127 -14.85 10.21 -17.25
CA PRO B 127 -15.19 9.17 -16.26
C PRO B 127 -14.52 7.81 -16.52
N ASN B 128 -14.24 7.47 -17.81
CA ASN B 128 -13.64 6.18 -18.21
C ASN B 128 -12.23 6.10 -17.76
N ASP B 129 -11.48 7.21 -17.89
CA ASP B 129 -10.10 7.30 -17.45
C ASP B 129 -10.04 7.38 -15.91
N LEU B 130 -10.96 8.14 -15.31
CA LEU B 130 -11.06 8.32 -13.86
C LEU B 130 -11.35 6.99 -13.15
N ALA B 131 -12.04 6.09 -13.84
CA ALA B 131 -12.35 4.74 -13.34
C ALA B 131 -11.12 3.81 -13.34
N GLN B 132 -10.05 4.19 -14.03
CA GLN B 132 -8.84 3.37 -14.09
C GLN B 132 -7.89 3.72 -12.95
N VAL B 133 -8.23 4.74 -12.10
CA VAL B 133 -7.40 5.18 -10.96
C VAL B 133 -7.34 4.06 -9.92
N SER B 134 -6.13 3.69 -9.44
CA SER B 134 -6.04 2.65 -8.43
C SER B 134 -5.18 3.14 -7.25
N ARG B 135 -5.08 2.32 -6.20
CA ARG B 135 -4.30 2.60 -4.99
C ARG B 135 -2.81 2.58 -5.29
N ASP B 136 -2.41 2.27 -6.54
CA ASP B 136 -1.00 2.28 -6.92
C ASP B 136 -0.69 3.61 -7.58
N ASP B 137 -1.69 4.49 -7.69
CA ASP B 137 -1.59 5.76 -8.37
C ASP B 137 -1.46 6.95 -7.39
N CYS B 138 -0.57 7.88 -7.79
CA CYS B 138 -0.39 9.18 -7.17
C CYS B 138 -1.03 10.19 -8.11
N VAL B 139 -2.22 10.69 -7.74
CA VAL B 139 -2.99 11.57 -8.61
C VAL B 139 -2.65 13.02 -8.28
N VAL B 140 -2.22 13.78 -9.30
CA VAL B 140 -1.85 15.20 -9.22
C VAL B 140 -2.76 15.98 -10.14
N LEU B 141 -3.71 16.75 -9.55
CA LEU B 141 -4.69 17.55 -10.31
C LEU B 141 -4.75 19.00 -9.82
N ALA B 142 -5.00 19.92 -10.75
CA ALA B 142 -5.17 21.35 -10.44
C ALA B 142 -6.64 21.66 -10.23
N ASN B 143 -7.00 22.28 -9.09
CA ASN B 143 -8.37 22.65 -8.78
C ASN B 143 -8.43 24.12 -8.25
N PRO B 144 -8.97 25.10 -9.02
CA PRO B 144 -9.54 25.00 -10.40
C PRO B 144 -8.46 24.61 -11.41
N SER B 145 -8.85 24.03 -12.54
CA SER B 145 -7.90 23.58 -13.56
C SER B 145 -7.41 24.72 -14.48
N ASN B 146 -6.13 24.60 -14.90
CA ASN B 146 -5.47 25.47 -15.87
C ASN B 146 -5.29 24.63 -17.15
N PRO B 147 -5.88 25.00 -18.32
CA PRO B 147 -6.51 26.27 -18.69
C PRO B 147 -8.05 26.26 -18.83
N THR B 148 -8.73 25.22 -18.35
CA THR B 148 -10.19 25.09 -18.53
C THR B 148 -10.98 25.97 -17.56
N GLY B 149 -10.41 26.23 -16.39
CA GLY B 149 -11.05 27.03 -15.34
C GLY B 149 -12.09 26.25 -14.57
N GLN B 150 -12.19 24.96 -14.86
CA GLN B 150 -13.17 24.08 -14.23
C GLN B 150 -12.71 23.64 -12.86
N ALA B 151 -13.69 23.43 -11.97
CA ALA B 151 -13.50 22.95 -10.60
C ALA B 151 -13.91 21.48 -10.48
N LEU B 152 -13.21 20.70 -9.64
CA LEU B 152 -13.52 19.29 -9.39
C LEU B 152 -14.84 19.17 -8.66
N SER B 153 -15.72 18.28 -9.15
CA SER B 153 -17.02 18.09 -8.50
C SER B 153 -16.88 17.31 -7.19
N ALA B 154 -17.93 17.35 -6.36
CA ALA B 154 -18.01 16.60 -5.12
C ALA B 154 -17.84 15.09 -5.38
N GLY B 155 -18.46 14.60 -6.46
CA GLY B 155 -18.40 13.21 -6.89
C GLY B 155 -17.02 12.80 -7.35
N GLU B 156 -16.33 13.69 -8.12
CA GLU B 156 -14.97 13.44 -8.58
C GLU B 156 -14.01 13.32 -7.39
N LEU B 157 -14.05 14.31 -6.46
CA LEU B 157 -13.21 14.33 -5.26
C LEU B 157 -13.50 13.13 -4.38
N ASP B 158 -14.78 12.75 -4.27
CA ASP B 158 -15.23 11.60 -3.47
C ASP B 158 -14.64 10.30 -4.04
N GLN B 159 -14.72 10.12 -5.35
CA GLN B 159 -14.16 8.96 -6.05
C GLN B 159 -12.61 8.93 -5.90
N LEU B 160 -11.93 10.07 -6.10
CA LEU B 160 -10.48 10.17 -5.96
C LEU B 160 -10.00 9.80 -4.56
N ARG B 161 -10.71 10.29 -3.52
CA ARG B 161 -10.37 10.06 -2.11
C ARG B 161 -10.51 8.59 -1.71
N GLN B 162 -11.28 7.80 -2.46
CA GLN B 162 -11.33 6.41 -2.07
C GLN B 162 -10.50 5.51 -3.03
N ARG B 163 -10.26 5.92 -4.28
CA ARG B 163 -9.56 5.03 -5.22
C ARG B 163 -8.05 5.21 -5.20
N ALA B 164 -7.60 6.47 -5.18
CA ALA B 164 -6.19 6.87 -5.28
C ALA B 164 -5.36 6.50 -4.06
N GLY B 165 -4.11 6.12 -4.34
CA GLY B 165 -3.11 5.77 -3.35
C GLY B 165 -2.66 7.02 -2.61
N LYS B 166 -2.32 8.08 -3.38
CA LYS B 166 -1.94 9.43 -2.94
C LYS B 166 -2.62 10.47 -3.81
N LEU B 167 -2.96 11.63 -3.24
CA LEU B 167 -3.61 12.70 -3.98
C LEU B 167 -2.99 14.04 -3.66
N LEU B 168 -2.55 14.76 -4.69
CA LEU B 168 -2.06 16.14 -4.59
C LEU B 168 -3.01 17.07 -5.34
N ILE B 169 -3.64 18.02 -4.63
CA ILE B 169 -4.52 19.00 -5.26
C ILE B 169 -3.76 20.30 -5.33
N ASP B 170 -3.49 20.77 -6.54
CA ASP B 170 -2.80 22.03 -6.79
C ASP B 170 -3.87 23.14 -6.82
N GLU B 171 -3.98 23.90 -5.70
CA GLU B 171 -4.98 24.94 -5.54
C GLU B 171 -4.41 26.34 -5.86
N THR B 172 -3.59 26.45 -6.93
CA THR B 172 -3.00 27.72 -7.38
C THR B 172 -4.07 28.80 -7.65
N TYR B 173 -5.21 28.42 -8.20
CA TYR B 173 -6.24 29.40 -8.59
C TYR B 173 -7.44 29.43 -7.63
N VAL B 174 -7.34 28.83 -6.43
CA VAL B 174 -8.46 28.73 -5.47
C VAL B 174 -9.00 30.14 -5.05
N ASP B 175 -8.17 31.21 -5.05
CA ASP B 175 -8.62 32.55 -4.64
C ASP B 175 -9.77 33.12 -5.53
N TYR B 176 -9.86 32.64 -6.78
CA TYR B 176 -10.88 33.16 -7.67
C TYR B 176 -12.10 32.22 -7.72
N SER B 177 -12.05 31.12 -6.94
CA SER B 177 -13.10 30.13 -6.89
C SER B 177 -14.26 30.52 -5.94
N SER B 178 -15.23 29.62 -5.88
CA SER B 178 -16.46 29.68 -5.09
C SER B 178 -16.37 28.76 -3.84
N PHE B 179 -15.20 28.13 -3.64
CA PHE B 179 -14.99 27.20 -2.54
C PHE B 179 -13.79 27.65 -1.64
N ARG B 180 -13.62 28.96 -1.46
CA ARG B 180 -12.55 29.49 -0.61
C ARG B 180 -12.77 29.15 0.87
N ALA B 181 -14.05 29.08 1.31
CA ALA B 181 -14.47 28.79 2.69
C ALA B 181 -14.07 27.38 3.13
N ARG B 182 -14.06 26.44 2.18
CA ARG B 182 -13.72 25.04 2.37
C ARG B 182 -12.35 24.85 3.10
N GLY B 183 -11.35 25.66 2.77
CA GLY B 183 -10.04 25.57 3.41
C GLY B 183 -9.11 24.44 2.93
N LEU B 184 -8.11 24.10 3.78
CA LEU B 184 -7.07 23.13 3.47
C LEU B 184 -7.50 21.71 3.81
N ALA B 185 -7.30 20.81 2.84
CA ALA B 185 -7.63 19.38 2.93
C ALA B 185 -6.38 18.57 2.71
N TYR B 186 -5.85 18.02 3.82
CA TYR B 186 -4.65 17.21 3.82
C TYR B 186 -4.78 16.17 4.93
N GLY B 187 -4.14 15.03 4.72
CA GLY B 187 -4.18 13.89 5.62
C GLY B 187 -3.20 12.82 5.21
N GLU B 188 -3.37 11.63 5.78
CA GLU B 188 -2.58 10.41 5.55
CA GLU B 188 -2.42 10.54 5.58
C GLU B 188 -2.12 10.29 4.08
N ASN B 189 -3.10 10.39 3.14
CA ASN B 189 -2.86 10.16 1.70
C ASN B 189 -3.28 11.33 0.82
N GLU B 190 -3.33 12.54 1.39
CA GLU B 190 -3.73 13.71 0.64
C GLU B 190 -2.87 14.92 1.05
N LEU B 191 -2.43 15.67 0.03
CA LEU B 191 -1.64 16.89 0.14
C LEU B 191 -2.26 18.01 -0.70
N VAL B 192 -2.00 19.25 -0.32
CA VAL B 192 -2.54 20.39 -1.05
C VAL B 192 -1.41 21.43 -1.24
N PHE B 193 -1.38 22.06 -2.41
CA PHE B 193 -0.40 23.10 -2.75
C PHE B 193 -1.12 24.44 -2.99
N ARG B 194 -0.56 25.51 -2.41
CA ARG B 194 -1.02 26.90 -2.58
C ARG B 194 0.13 27.72 -3.15
N SER B 195 -0.17 28.58 -4.12
CA SER B 195 0.79 29.46 -4.77
C SER B 195 0.69 30.89 -4.24
N PHE B 196 1.81 31.63 -4.20
CA PHE B 196 1.77 33.05 -3.80
C PHE B 196 1.92 33.93 -5.05
N SER B 197 1.88 33.31 -6.24
CA SER B 197 2.09 33.97 -7.53
C SER B 197 0.87 34.74 -8.04
N LYS B 198 -0.35 34.35 -7.66
CA LYS B 198 -1.54 34.95 -8.23
C LYS B 198 -2.09 35.99 -7.28
N SER B 199 -3.15 35.69 -6.57
CA SER B 199 -3.79 36.60 -5.62
C SER B 199 -2.79 37.41 -4.75
N TYR B 200 -1.74 36.76 -4.22
CA TYR B 200 -0.77 37.38 -3.29
C TYR B 200 0.20 38.35 -3.98
N GLY B 201 0.27 38.28 -5.31
CA GLY B 201 1.11 39.14 -6.16
C GLY B 201 2.60 38.92 -6.07
N LEU B 202 3.06 37.66 -5.89
CA LEU B 202 4.50 37.41 -5.82
C LEU B 202 4.96 36.47 -6.96
N ALA B 203 4.39 36.59 -8.15
CA ALA B 203 4.71 35.75 -9.32
C ALA B 203 6.21 35.74 -9.66
N GLY B 204 6.88 36.89 -9.52
CA GLY B 204 8.29 37.01 -9.83
C GLY B 204 9.20 36.36 -8.81
N LEU B 205 8.65 35.90 -7.67
CA LEU B 205 9.44 35.25 -6.61
C LEU B 205 9.29 33.74 -6.69
N ARG B 206 8.24 33.26 -7.35
CA ARG B 206 7.91 31.83 -7.57
C ARG B 206 8.03 31.08 -6.23
N LEU B 207 7.08 31.37 -5.31
CA LEU B 207 6.98 30.73 -3.99
C LEU B 207 5.62 30.02 -3.86
N GLY B 208 5.61 29.00 -3.04
CA GLY B 208 4.41 28.21 -2.76
C GLY B 208 4.52 27.51 -1.43
N ALA B 209 3.39 27.05 -0.92
CA ALA B 209 3.28 26.28 0.34
C ALA B 209 2.66 24.94 0.07
N LEU B 210 3.27 23.87 0.58
CA LEU B 210 2.77 22.51 0.48
C LEU B 210 2.29 22.05 1.84
N PHE B 211 1.08 21.50 1.91
CA PHE B 211 0.48 21.01 3.15
C PHE B 211 0.26 19.52 3.07
N GLY B 212 0.65 18.81 4.12
CA GLY B 212 0.47 17.37 4.18
C GLY B 212 0.68 16.78 5.55
N PRO B 213 0.67 15.42 5.63
CA PRO B 213 0.91 14.75 6.92
C PRO B 213 2.34 15.04 7.44
N SER B 214 2.45 15.31 8.77
CA SER B 214 3.67 15.70 9.46
C SER B 214 4.85 14.74 9.20
N GLU B 215 4.65 13.40 9.12
CA GLU B 215 5.76 12.48 8.87
C GLU B 215 6.45 12.73 7.48
N LEU B 216 5.64 12.77 6.40
CA LEU B 216 6.09 12.99 5.03
C LEU B 216 6.71 14.38 4.84
N ILE B 217 6.11 15.46 5.41
CA ILE B 217 6.63 16.82 5.32
C ILE B 217 8.05 16.85 5.88
N ALA B 218 8.27 16.16 6.99
CA ALA B 218 9.59 16.14 7.65
C ALA B 218 10.63 15.40 6.80
N ALA B 219 10.22 14.32 6.12
CA ALA B 219 11.08 13.54 5.23
C ALA B 219 11.46 14.35 3.96
N LYS B 221 11.41 17.92 4.00
CA LYS B 221 12.15 19.11 4.44
C LYS B 221 13.65 18.81 4.49
N ARG B 222 14.08 17.67 5.03
CA ARG B 222 15.49 17.25 5.04
C ARG B 222 16.25 17.47 3.72
N LYS B 223 15.56 17.14 2.60
CA LYS B 223 16.10 17.10 1.24
C LYS B 223 16.17 18.51 0.61
N GLN B 224 15.52 19.52 1.26
CA GLN B 224 15.56 20.91 0.81
C GLN B 224 16.97 21.47 0.96
N TRP B 225 17.30 22.39 0.05
CA TRP B 225 18.61 23.06 0.03
C TRP B 225 18.70 24.03 1.17
N PHE B 226 19.92 24.26 1.65
CA PHE B 226 20.18 25.24 2.71
C PHE B 226 19.91 26.63 2.15
N CYS B 227 19.13 27.45 2.90
CA CYS B 227 18.77 28.82 2.52
C CYS B 227 18.12 28.81 1.13
N ASN B 228 17.16 27.86 0.94
CA ASN B 228 16.41 27.65 -0.29
C ASN B 228 15.69 28.96 -0.73
N VAL B 229 15.16 29.72 0.26
CA VAL B 229 14.48 30.98 0.06
C VAL B 229 15.29 32.08 0.78
N GLY B 230 15.89 32.99 0.02
CA GLY B 230 16.72 34.07 0.55
C GLY B 230 16.00 35.13 1.38
N THR B 231 16.79 35.99 2.04
CA THR B 231 16.33 37.07 2.92
C THR B 231 15.35 38.04 2.19
N LEU B 232 15.57 38.38 0.89
CA LEU B 232 14.68 39.29 0.17
C LEU B 232 13.30 38.65 -0.07
N ASP B 233 13.25 37.40 -0.58
CA ASP B 233 11.98 36.69 -0.81
C ASP B 233 11.21 36.43 0.51
N LEU B 234 11.94 36.08 1.59
CA LEU B 234 11.34 35.83 2.89
C LEU B 234 10.66 37.09 3.44
N HIS B 235 11.33 38.25 3.40
CA HIS B 235 10.76 39.49 3.93
C HIS B 235 9.59 39.99 3.05
N ALA B 236 9.61 39.71 1.73
CA ALA B 236 8.52 40.06 0.83
C ALA B 236 7.29 39.23 1.17
N LEU B 237 7.46 37.88 1.26
CA LEU B 237 6.40 36.94 1.61
C LEU B 237 5.78 37.30 2.96
N GLU B 238 6.62 37.58 3.97
CA GLU B 238 6.16 37.94 5.31
C GLU B 238 5.16 39.13 5.29
N ALA B 239 5.52 40.21 4.58
CA ALA B 239 4.72 41.43 4.45
C ALA B 239 3.44 41.18 3.63
N ALA B 240 3.54 40.31 2.61
CA ALA B 240 2.46 39.94 1.72
C ALA B 240 1.35 39.14 2.45
N LEU B 241 1.72 38.50 3.57
CA LEU B 241 0.77 37.70 4.34
C LEU B 241 -0.07 38.61 5.23
N ASP B 242 0.48 39.75 5.64
CA ASP B 242 -0.27 40.69 6.47
C ASP B 242 -0.83 41.85 5.55
N ASN B 243 -1.59 41.47 4.50
CA ASN B 243 -2.08 42.37 3.45
C ASN B 243 -3.40 41.87 2.84
N ASP B 244 -4.31 41.48 3.72
CA ASP B 244 -5.61 40.90 3.33
C ASP B 244 -6.54 41.96 2.66
N ARG B 245 -6.49 43.27 3.06
CA ARG B 245 -7.31 44.34 2.48
CA ARG B 245 -7.31 44.35 2.48
C ARG B 245 -7.14 44.41 0.94
N ALA B 246 -5.88 44.56 0.48
CA ALA B 246 -5.52 44.64 -0.93
C ALA B 246 -5.83 43.36 -1.70
N ARG B 247 -5.52 42.21 -1.08
CA ARG B 247 -5.70 40.89 -1.67
C ARG B 247 -7.20 40.64 -1.93
N GLU B 248 -8.08 41.00 -0.96
CA GLU B 248 -9.52 40.82 -1.08
C GLU B 248 -10.11 41.74 -2.13
N ALA B 249 -9.55 42.97 -2.25
CA ALA B 249 -9.99 43.96 -3.25
C ALA B 249 -9.61 43.49 -4.67
N HIS B 250 -8.45 42.83 -4.83
CA HIS B 250 -8.00 42.28 -6.10
C HIS B 250 -8.89 41.09 -6.50
N ILE B 251 -9.25 40.23 -5.52
CA ILE B 251 -10.10 39.06 -5.76
C ILE B 251 -11.48 39.53 -6.25
N ALA B 252 -12.08 40.50 -5.52
CA ALA B 252 -13.41 41.06 -5.80
C ALA B 252 -13.47 41.67 -7.21
N LYS B 253 -12.46 42.49 -7.56
CA LYS B 253 -12.33 43.16 -8.86
C LYS B 253 -12.14 42.12 -9.97
N THR B 254 -11.31 41.08 -9.72
CA THR B 254 -11.08 40.02 -10.72
C THR B 254 -12.39 39.26 -11.01
N LEU B 255 -13.17 38.89 -9.97
CA LEU B 255 -14.44 38.17 -10.18
C LEU B 255 -15.45 38.99 -11.01
N ALA B 256 -15.52 40.31 -10.75
CA ALA B 256 -16.41 41.25 -11.44
C ALA B 256 -15.97 41.46 -12.88
N GLN B 257 -14.66 41.66 -13.12
CA GLN B 257 -14.11 41.84 -14.46
C GLN B 257 -14.19 40.53 -15.28
N ARG B 258 -14.09 39.37 -14.63
CA ARG B 258 -14.22 38.07 -15.29
C ARG B 258 -15.64 37.88 -15.79
N ARG B 259 -16.64 38.31 -14.98
CA ARG B 259 -18.04 38.26 -15.34
C ARG B 259 -18.30 39.23 -16.55
N ARG B 260 -17.73 40.47 -16.49
CA ARG B 260 -17.82 41.45 -17.56
C ARG B 260 -17.28 40.87 -18.87
N VAL B 261 -16.03 40.39 -18.86
CA VAL B 261 -15.33 39.88 -20.03
C VAL B 261 -16.06 38.67 -20.62
N ALA B 262 -16.45 37.68 -19.78
CA ALA B 262 -17.20 36.49 -20.23
C ALA B 262 -18.55 36.87 -20.91
N ASP B 263 -19.34 37.74 -20.29
CA ASP B 263 -20.64 38.15 -20.82
C ASP B 263 -20.49 38.93 -22.12
N ALA B 264 -19.53 39.90 -22.17
CA ALA B 264 -19.28 40.74 -23.35
C ALA B 264 -18.81 39.91 -24.55
N LEU B 265 -17.86 38.96 -24.34
CA LEU B 265 -17.35 38.11 -25.41
C LEU B 265 -18.46 37.20 -25.97
N ARG B 266 -19.32 36.64 -25.10
CA ARG B 266 -20.44 35.77 -25.54
C ARG B 266 -21.45 36.58 -26.38
N GLY B 267 -21.62 37.86 -26.03
CA GLY B 267 -22.48 38.80 -26.75
C GLY B 267 -21.91 39.17 -28.10
N LEU B 268 -20.58 39.04 -28.25
CA LEU B 268 -19.86 39.30 -29.50
C LEU B 268 -19.84 38.01 -30.38
N GLY B 269 -20.34 36.90 -29.84
CA GLY B 269 -20.41 35.64 -30.55
C GLY B 269 -19.34 34.62 -30.24
N TYR B 270 -18.42 34.94 -29.31
CA TYR B 270 -17.36 34.00 -28.92
C TYR B 270 -17.93 32.91 -27.99
N ARG B 271 -17.30 31.72 -28.00
CA ARG B 271 -17.72 30.62 -27.12
C ARG B 271 -16.71 30.56 -25.98
N VAL B 272 -17.15 31.03 -24.80
CA VAL B 272 -16.36 31.17 -23.58
C VAL B 272 -16.81 30.14 -22.57
N ALA B 273 -15.84 29.43 -22.00
CA ALA B 273 -16.07 28.42 -20.98
C ALA B 273 -16.20 29.07 -19.60
N SER B 274 -17.00 28.45 -18.70
CA SER B 274 -17.13 28.90 -17.31
C SER B 274 -15.75 28.83 -16.65
N SER B 275 -15.51 29.66 -15.64
CA SER B 275 -14.20 29.70 -15.02
C SER B 275 -14.30 30.09 -13.57
N GLU B 276 -13.51 29.41 -12.76
CA GLU B 276 -13.35 29.63 -11.33
C GLU B 276 -11.93 30.17 -11.05
N ALA B 277 -11.21 30.58 -12.13
CA ALA B 277 -9.83 31.07 -12.08
C ALA B 277 -9.73 32.54 -12.55
N ASN B 278 -8.52 33.12 -12.72
CA ASN B 278 -8.42 34.54 -13.12
C ASN B 278 -8.22 34.67 -14.63
N PHE B 279 -8.90 33.79 -15.39
CA PHE B 279 -8.83 33.72 -16.83
C PHE B 279 -10.07 33.11 -17.38
N VAL B 280 -10.26 33.20 -18.70
CA VAL B 280 -11.37 32.52 -19.38
C VAL B 280 -10.81 31.77 -20.61
N LEU B 281 -11.32 30.54 -20.86
CA LEU B 281 -10.94 29.77 -22.05
C LEU B 281 -11.94 30.09 -23.15
N VAL B 282 -11.44 30.53 -24.32
CA VAL B 282 -12.27 30.95 -25.46
C VAL B 282 -11.95 30.09 -26.69
N GLU B 283 -12.98 29.68 -27.46
CA GLU B 283 -12.83 28.90 -28.71
C GLU B 283 -12.16 29.75 -29.74
N ASN B 284 -11.18 29.19 -30.46
CA ASN B 284 -10.47 29.96 -31.47
C ASN B 284 -10.17 29.09 -32.72
N ALA B 285 -11.20 28.83 -33.52
CA ALA B 285 -11.03 28.05 -34.75
C ALA B 285 -10.08 28.75 -35.77
N ALA B 286 -10.01 30.11 -35.72
CA ALA B 286 -9.19 30.94 -36.61
C ALA B 286 -7.68 30.73 -36.39
N GLY B 287 -7.31 30.10 -35.28
CA GLY B 287 -5.92 29.80 -34.94
C GLY B 287 -5.04 31.01 -34.70
N GLU B 288 -3.82 30.95 -35.24
CA GLU B 288 -2.77 31.98 -35.12
C GLU B 288 -3.27 33.37 -35.60
N ARG B 289 -4.14 33.43 -36.63
CA ARG B 289 -4.70 34.67 -37.19
C ARG B 289 -5.21 35.62 -36.07
N THR B 290 -5.82 35.05 -35.02
CA THR B 290 -6.37 35.79 -33.88
C THR B 290 -5.24 36.37 -33.02
N LEU B 291 -4.24 35.54 -32.69
CA LEU B 291 -3.10 35.94 -31.85
C LEU B 291 -2.31 37.06 -32.55
N ARG B 292 -2.11 36.94 -33.87
CA ARG B 292 -1.41 37.90 -34.71
C ARG B 292 -2.17 39.25 -34.72
N PHE B 293 -3.52 39.20 -34.80
CA PHE B 293 -4.41 40.36 -34.78
C PHE B 293 -4.29 41.11 -33.47
N LEU B 294 -4.30 40.36 -32.35
CA LEU B 294 -4.20 40.91 -31.01
C LEU B 294 -2.81 41.51 -30.77
N ARG B 295 -1.74 40.81 -31.23
CA ARG B 295 -0.36 41.33 -31.09
C ARG B 295 -0.17 42.65 -31.87
N GLU B 296 -0.85 42.81 -33.02
CA GLU B 296 -0.68 44.03 -33.80
CA GLU B 296 -0.80 44.00 -33.87
C GLU B 296 -1.38 45.19 -33.08
N ARG B 297 -2.31 44.89 -32.16
CA ARG B 297 -2.99 45.90 -31.34
C ARG B 297 -2.40 45.96 -29.92
N GLY B 298 -1.20 45.36 -29.75
CA GLY B 298 -0.44 45.31 -28.50
C GLY B 298 -1.08 44.52 -27.37
N ILE B 299 -1.68 43.36 -27.69
CA ILE B 299 -2.35 42.55 -26.67
C ILE B 299 -1.85 41.10 -26.76
N GLN B 300 -1.33 40.55 -25.61
CA GLN B 300 -0.82 39.18 -25.52
C GLN B 300 -1.77 38.31 -24.77
N VAL B 301 -2.13 37.18 -25.39
CA VAL B 301 -2.96 36.13 -24.83
C VAL B 301 -2.23 34.80 -25.02
N LYS B 302 -2.66 33.78 -24.27
CA LYS B 302 -2.01 32.48 -24.28
C LYS B 302 -2.71 31.52 -25.23
N ASP B 303 -1.90 30.83 -26.07
CA ASP B 303 -2.36 29.78 -26.97
C ASP B 303 -2.51 28.51 -26.14
N ALA B 304 -3.77 28.02 -25.95
CA ALA B 304 -4.07 26.87 -25.11
C ALA B 304 -3.60 25.54 -25.76
N GLY B 305 -2.96 25.62 -26.94
CA GLY B 305 -2.35 24.49 -27.63
C GLY B 305 -1.24 23.88 -26.79
N GLN B 306 -0.62 24.75 -25.94
CA GLN B 306 0.43 24.41 -24.98
C GLN B 306 -0.03 23.35 -24.00
N PHE B 307 -1.34 23.34 -23.69
CA PHE B 307 -1.96 22.44 -22.71
C PHE B 307 -2.77 21.33 -23.38
N GLY B 308 -2.69 21.20 -24.71
CA GLY B 308 -3.39 20.17 -25.46
C GLY B 308 -4.73 20.60 -26.02
N LEU B 309 -5.10 21.87 -25.77
CA LEU B 309 -6.35 22.44 -26.25
C LEU B 309 -6.09 23.41 -27.41
N HIS B 310 -5.69 22.85 -28.55
CA HIS B 310 -5.41 23.62 -29.77
C HIS B 310 -6.67 24.31 -30.24
N HIS B 311 -6.51 25.47 -30.91
CA HIS B 311 -7.60 26.27 -31.44
C HIS B 311 -8.55 26.73 -30.30
N HIS B 312 -7.90 27.17 -29.23
CA HIS B 312 -8.43 27.78 -28.01
C HIS B 312 -7.45 28.82 -27.53
N ILE B 313 -7.92 29.85 -26.86
CA ILE B 313 -7.04 30.85 -26.26
C ILE B 313 -7.45 31.01 -24.78
N ARG B 314 -6.45 31.21 -23.91
CA ARG B 314 -6.65 31.46 -22.50
C ARG B 314 -6.37 32.94 -22.27
N ILE B 315 -7.43 33.71 -21.99
CA ILE B 315 -7.34 35.14 -21.78
C ILE B 315 -7.31 35.43 -20.28
N SER B 316 -6.23 36.02 -19.78
CA SER B 316 -6.18 36.38 -18.36
C SER B 316 -7.05 37.59 -18.11
N ILE B 317 -7.61 37.71 -16.89
CA ILE B 317 -8.35 38.89 -16.49
C ILE B 317 -7.34 39.87 -15.87
N GLY B 318 -7.26 41.08 -16.41
CA GLY B 318 -6.34 42.09 -15.88
C GLY B 318 -7.07 43.25 -15.24
N ARG B 319 -6.43 44.44 -15.22
CA ARG B 319 -7.07 45.65 -14.72
C ARG B 319 -8.19 46.09 -15.68
N GLU B 320 -9.13 46.90 -15.21
CA GLU B 320 -10.24 47.39 -16.01
C GLU B 320 -9.75 47.90 -17.38
N GLU B 321 -8.70 48.75 -17.41
CA GLU B 321 -8.12 49.33 -18.64
C GLU B 321 -7.55 48.22 -19.56
N ASP B 322 -6.99 47.14 -18.99
CA ASP B 322 -6.43 46.03 -19.76
C ASP B 322 -7.54 45.33 -20.54
N ASN B 323 -8.63 44.99 -19.82
CA ASN B 323 -9.85 44.36 -20.33
C ASN B 323 -10.59 45.25 -21.32
N ASP B 324 -10.60 46.57 -21.08
CA ASP B 324 -11.23 47.53 -22.01
C ASP B 324 -10.65 47.36 -23.41
N ARG B 325 -9.31 47.26 -23.48
CA ARG B 325 -8.53 47.11 -24.70
C ARG B 325 -8.75 45.75 -25.33
N LEU B 326 -8.77 44.64 -24.51
CA LEU B 326 -9.03 43.31 -25.01
C LEU B 326 -10.40 43.24 -25.67
N LEU B 327 -11.43 43.70 -24.97
CA LEU B 327 -12.80 43.66 -25.48
C LEU B 327 -12.98 44.52 -26.76
N ALA B 328 -12.31 45.67 -26.84
CA ALA B 328 -12.38 46.56 -28.01
C ALA B 328 -11.76 45.89 -29.25
N ALA B 329 -10.61 45.19 -29.04
CA ALA B 329 -9.91 44.50 -30.12
C ALA B 329 -10.71 43.29 -30.61
N LEU B 330 -11.28 42.48 -29.70
CA LEU B 330 -12.06 41.31 -30.12
C LEU B 330 -13.47 41.73 -30.62
N ALA B 331 -13.95 42.94 -30.26
CA ALA B 331 -15.20 43.44 -30.84
C ALA B 331 -14.95 43.73 -32.32
N GLU B 332 -13.81 44.35 -32.63
CA GLU B 332 -13.35 44.67 -33.98
C GLU B 332 -13.12 43.38 -34.79
N TYR B 333 -12.48 42.37 -34.17
CA TYR B 333 -12.18 41.07 -34.79
C TYR B 333 -13.46 40.29 -35.12
N SER B 334 -14.52 40.46 -34.32
CA SER B 334 -15.86 39.85 -34.44
C SER B 334 -16.53 40.17 -35.81
N ASP B 335 -16.03 41.23 -36.49
CA ASP B 335 -16.48 41.74 -37.80
C ASP B 335 -15.59 41.11 -38.93
N HIS B 336 -14.24 41.37 -38.89
CA HIS B 336 -13.22 40.84 -39.84
C HIS B 336 -13.21 39.28 -39.86
N ALA C 15 -26.52 -54.64 -23.05
CA ALA C 15 -26.15 -53.24 -23.26
C ALA C 15 -24.87 -52.88 -22.47
N ALA C 16 -23.74 -52.71 -23.21
CA ALA C 16 -22.42 -52.40 -22.65
C ALA C 16 -22.28 -50.90 -22.35
N GLN C 17 -22.48 -50.57 -21.07
CA GLN C 17 -22.43 -49.22 -20.52
C GLN C 17 -20.96 -48.76 -20.32
N ALA C 18 -20.76 -47.51 -19.92
CA ALA C 18 -19.42 -46.98 -19.64
C ALA C 18 -18.89 -47.56 -18.33
N VAL C 19 -17.56 -47.65 -18.17
CA VAL C 19 -16.98 -48.23 -16.95
C VAL C 19 -15.87 -47.30 -16.39
N CYS C 20 -16.00 -46.90 -15.09
CA CYS C 20 -15.00 -46.07 -14.41
C CYS C 20 -14.25 -46.92 -13.40
N LEU C 21 -12.98 -47.17 -13.74
CA LEU C 21 -12.03 -47.87 -12.89
C LEU C 21 -10.82 -46.97 -12.72
N ALA C 22 -11.07 -45.66 -12.44
CA ALA C 22 -10.03 -44.64 -12.39
C ALA C 22 -9.89 -43.96 -11.04
N PHE C 23 -10.89 -44.00 -10.12
CA PHE C 23 -10.77 -43.21 -8.90
C PHE C 23 -10.86 -44.00 -7.60
N ASN C 24 -10.70 -45.35 -7.66
CA ASN C 24 -10.68 -46.23 -6.48
C ASN C 24 -11.94 -46.09 -5.64
N GLU C 25 -13.10 -45.79 -6.29
CA GLU C 25 -14.38 -45.65 -5.61
C GLU C 25 -14.96 -47.03 -5.26
N ASN C 26 -15.80 -47.06 -4.21
CA ASN C 26 -16.58 -48.24 -3.84
C ASN C 26 -17.65 -48.42 -4.94
N PRO C 27 -17.65 -49.54 -5.70
CA PRO C 27 -18.57 -49.63 -6.85
C PRO C 27 -20.00 -50.07 -6.50
N GLU C 28 -20.22 -50.53 -5.25
CA GLU C 28 -21.51 -51.05 -4.79
C GLU C 28 -22.54 -49.96 -4.65
N ALA C 29 -23.83 -50.35 -4.66
CA ALA C 29 -24.93 -49.42 -4.46
C ALA C 29 -24.95 -48.99 -3.00
N VAL C 30 -25.34 -47.72 -2.73
CA VAL C 30 -25.39 -47.17 -1.37
C VAL C 30 -26.50 -47.91 -0.60
N GLU C 31 -26.15 -48.50 0.56
CA GLU C 31 -27.09 -49.26 1.39
C GLU C 31 -28.37 -48.47 1.72
N PRO C 32 -29.55 -49.13 1.71
CA PRO C 32 -30.82 -48.42 1.96
C PRO C 32 -30.89 -47.72 3.30
N ARG C 33 -30.38 -48.35 4.38
CA ARG C 33 -30.39 -47.75 5.72
C ARG C 33 -29.56 -46.45 5.75
N VAL C 34 -28.47 -46.38 4.94
CA VAL C 34 -27.57 -45.22 4.83
C VAL C 34 -28.34 -44.08 4.09
N GLN C 35 -29.07 -44.42 3.02
CA GLN C 35 -29.88 -43.45 2.27
C GLN C 35 -31.02 -42.90 3.12
N ALA C 36 -31.69 -43.78 3.89
CA ALA C 36 -32.81 -43.39 4.76
C ALA C 36 -32.34 -42.44 5.87
N ALA C 37 -31.15 -42.68 6.48
CA ALA C 37 -30.60 -41.81 7.52
C ALA C 37 -30.39 -40.39 6.98
N ILE C 38 -29.94 -40.29 5.69
CA ILE C 38 -29.70 -39.01 5.01
C ILE C 38 -31.06 -38.32 4.78
N ALA C 39 -32.06 -39.06 4.24
CA ALA C 39 -33.41 -38.55 3.98
C ALA C 39 -34.08 -37.98 5.24
N ALA C 40 -33.80 -38.57 6.40
CA ALA C 40 -34.34 -38.15 7.69
C ALA C 40 -33.64 -36.89 8.19
N ALA C 41 -32.31 -36.80 7.97
CA ALA C 41 -31.55 -35.63 8.39
C ALA C 41 -31.89 -34.42 7.53
N ALA C 42 -32.37 -34.66 6.28
CA ALA C 42 -32.72 -33.63 5.32
C ALA C 42 -33.82 -32.71 5.86
N ALA C 43 -34.69 -33.23 6.71
CA ALA C 43 -35.80 -32.44 7.28
C ALA C 43 -35.36 -31.49 8.45
N ARG C 44 -34.07 -31.60 8.89
CA ARG C 44 -33.55 -30.79 10.00
CA ARG C 44 -33.46 -30.89 10.01
C ARG C 44 -32.28 -29.98 9.61
N ILE C 45 -32.03 -29.79 8.30
CA ILE C 45 -30.85 -29.04 7.84
C ILE C 45 -30.92 -27.53 8.21
N ASN C 46 -32.09 -27.02 8.65
CA ASN C 46 -32.29 -25.63 9.06
C ASN C 46 -31.71 -25.33 10.45
N ARG C 47 -31.32 -26.39 11.21
CA ARG C 47 -30.82 -26.27 12.59
C ARG C 47 -29.40 -26.72 12.70
N TYR C 48 -28.61 -26.09 13.58
CA TYR C 48 -27.23 -26.50 13.87
C TYR C 48 -27.24 -27.92 14.53
N PRO C 49 -26.35 -28.84 14.11
CA PRO C 49 -26.41 -30.22 14.65
C PRO C 49 -25.71 -30.33 16.01
N PHE C 50 -26.22 -29.56 17.01
CA PHE C 50 -25.63 -29.48 18.34
C PHE C 50 -25.68 -30.79 19.10
N ASP C 51 -26.69 -31.65 18.84
CA ASP C 51 -26.76 -32.93 19.54
C ASP C 51 -26.11 -34.04 18.71
N ALA C 52 -26.19 -33.94 17.37
CA ALA C 52 -25.64 -34.94 16.45
C ALA C 52 -24.08 -34.95 16.44
N GLU C 53 -23.40 -33.78 16.53
CA GLU C 53 -21.94 -33.72 16.51
C GLU C 53 -21.33 -34.53 17.67
N PRO C 54 -21.66 -34.32 18.98
CA PRO C 54 -21.05 -35.14 20.04
C PRO C 54 -21.42 -36.61 19.97
N ARG C 55 -22.65 -36.92 19.51
CA ARG C 55 -23.14 -38.29 19.35
C ARG C 55 -22.29 -39.06 18.33
N VAL C 56 -21.99 -38.44 17.17
CA VAL C 56 -21.19 -39.08 16.12
C VAL C 56 -19.72 -39.21 16.60
N ARG C 58 -18.68 -39.79 19.66
CA ARG C 58 -18.75 -40.93 20.56
CA ARG C 58 -18.70 -40.94 20.56
C ARG C 58 -18.85 -42.22 19.76
N LYS C 59 -19.65 -42.21 18.67
CA LYS C 59 -19.83 -43.37 17.79
C LYS C 59 -18.50 -43.74 17.12
N LEU C 60 -17.72 -42.74 16.63
CA LEU C 60 -16.40 -42.90 16.04
C LEU C 60 -15.43 -43.53 17.05
N ALA C 61 -15.46 -43.03 18.29
CA ALA C 61 -14.62 -43.49 19.39
C ALA C 61 -14.89 -44.97 19.68
N GLU C 62 -16.17 -45.38 19.65
CA GLU C 62 -16.62 -46.74 19.86
C GLU C 62 -16.15 -47.63 18.72
N HIS C 63 -16.38 -47.18 17.48
CA HIS C 63 -16.04 -47.90 16.26
C HIS C 63 -14.54 -48.22 16.20
N PHE C 64 -13.66 -47.23 16.48
CA PHE C 64 -12.20 -47.41 16.40
C PHE C 64 -11.59 -47.87 17.73
N SER C 65 -12.43 -48.04 18.76
CA SER C 65 -12.08 -48.51 20.11
C SER C 65 -10.92 -47.67 20.71
N CYS C 66 -11.07 -46.34 20.70
CA CYS C 66 -10.07 -45.44 21.27
C CYS C 66 -10.78 -44.31 21.99
N PRO C 67 -10.10 -43.53 22.88
CA PRO C 67 -10.80 -42.39 23.51
C PRO C 67 -11.06 -41.27 22.49
N GLU C 68 -12.14 -40.51 22.70
CA GLU C 68 -12.55 -39.40 21.83
C GLU C 68 -11.46 -38.30 21.83
N ASP C 69 -10.64 -38.26 22.89
CA ASP C 69 -9.54 -37.30 23.07
C ASP C 69 -8.38 -37.58 22.09
N ASN C 70 -8.35 -38.77 21.47
CA ASN C 70 -7.27 -39.17 20.57
C ASN C 70 -7.71 -39.20 19.12
N LEU C 71 -8.93 -38.71 18.78
CA LEU C 71 -9.36 -38.69 17.38
C LEU C 71 -9.97 -37.34 17.02
N LEU C 73 -12.25 -35.59 13.61
CA LEU C 73 -13.02 -35.76 12.36
C LEU C 73 -12.59 -34.65 11.41
N VAL C 74 -12.16 -35.01 10.20
CA VAL C 74 -11.59 -34.04 9.26
C VAL C 74 -12.20 -34.15 7.86
N ARG C 75 -12.05 -33.06 7.08
CA ARG C 75 -12.46 -32.97 5.69
C ARG C 75 -11.38 -33.59 4.81
N GLY C 76 -11.22 -34.91 4.95
CA GLY C 76 -10.26 -35.71 4.22
C GLY C 76 -8.80 -35.47 4.56
N ILE C 77 -7.92 -36.05 3.73
CA ILE C 77 -6.46 -35.99 3.91
C ILE C 77 -5.94 -34.51 3.72
N ASP C 78 -6.63 -33.65 2.94
CA ASP C 78 -6.21 -32.25 2.77
C ASP C 78 -6.27 -31.50 4.11
N GLU C 79 -7.41 -31.56 4.85
CA GLU C 79 -7.51 -30.92 6.17
C GLU C 79 -6.50 -31.51 7.13
N CYS C 80 -6.39 -32.82 7.12
CA CYS C 80 -5.47 -33.59 7.95
C CYS C 80 -4.02 -33.07 7.79
N PHE C 81 -3.53 -32.97 6.54
CA PHE C 81 -2.18 -32.53 6.23
C PHE C 81 -1.98 -31.07 6.66
N ASP C 82 -2.96 -30.21 6.40
CA ASP C 82 -2.88 -28.78 6.72
C ASP C 82 -2.82 -28.53 8.22
N ARG C 83 -3.71 -29.16 9.00
CA ARG C 83 -3.75 -28.90 10.43
C ARG C 83 -2.51 -29.48 11.14
N ILE C 84 -1.94 -30.62 10.65
CA ILE C 84 -0.73 -31.21 11.21
C ILE C 84 0.45 -30.30 10.88
N SER C 85 0.60 -29.93 9.61
CA SER C 85 1.73 -29.10 9.14
C SER C 85 1.72 -27.71 9.83
N ALA C 86 0.55 -27.12 10.13
CA ALA C 86 0.43 -25.83 10.85
C ALA C 86 1.02 -25.91 12.28
N GLU C 87 1.10 -27.12 12.87
CA GLU C 87 1.66 -27.32 14.20
C GLU C 87 3.17 -27.63 14.16
N PHE C 88 3.72 -28.02 12.98
CA PHE C 88 5.14 -28.36 12.78
C PHE C 88 5.73 -27.63 11.59
N SER C 89 5.34 -26.35 11.41
CA SER C 89 5.68 -25.52 10.24
C SER C 89 7.20 -25.30 10.04
N SER C 90 8.05 -25.52 11.07
CA SER C 90 9.50 -25.34 10.91
C SER C 90 10.20 -26.64 10.45
N ARG C 92 11.05 -30.20 8.20
CA ARG C 92 11.15 -30.59 6.82
C ARG C 92 10.15 -31.71 6.61
N PHE C 93 9.28 -31.54 5.65
CA PHE C 93 8.26 -32.55 5.35
C PHE C 93 8.85 -33.53 4.33
N VAL C 94 8.71 -34.83 4.66
CA VAL C 94 9.29 -35.90 3.86
C VAL C 94 8.16 -36.82 3.36
N THR C 95 8.04 -36.94 2.03
CA THR C 95 7.02 -37.77 1.39
C THR C 95 7.70 -38.68 0.35
N ALA C 96 6.95 -39.68 -0.15
CA ALA C 96 7.43 -40.58 -1.21
C ALA C 96 7.15 -40.00 -2.57
N TRP C 97 8.06 -40.19 -3.52
CA TRP C 97 7.86 -39.79 -4.91
C TRP C 97 8.67 -40.71 -5.81
N PRO C 98 8.03 -41.51 -6.69
CA PRO C 98 6.58 -41.60 -6.95
C PRO C 98 5.78 -42.01 -5.73
N GLY C 99 4.57 -41.48 -5.64
CA GLY C 99 3.62 -41.72 -4.55
C GLY C 99 2.44 -40.77 -4.68
N PHE C 100 1.54 -40.78 -3.69
CA PHE C 100 0.34 -39.95 -3.69
C PHE C 100 0.71 -38.46 -3.84
N ASP C 101 0.06 -37.78 -4.78
CA ASP C 101 0.38 -36.41 -5.18
C ASP C 101 -0.29 -35.34 -4.32
N GLY C 102 -1.21 -35.72 -3.44
CA GLY C 102 -1.93 -34.79 -2.58
C GLY C 102 -1.07 -34.00 -1.62
N TYR C 103 -0.04 -34.66 -1.06
CA TYR C 103 0.88 -34.03 -0.11
C TYR C 103 1.66 -32.92 -0.84
N ARG C 104 2.13 -33.17 -2.08
CA ARG C 104 2.78 -32.16 -2.90
C ARG C 104 1.90 -30.90 -3.10
N ALA C 105 0.60 -31.09 -3.34
CA ALA C 105 -0.38 -30.03 -3.57
C ALA C 105 -0.53 -29.12 -2.34
N ARG C 106 -0.59 -29.73 -1.14
CA ARG C 106 -0.72 -28.99 0.12
C ARG C 106 0.61 -28.30 0.51
N ILE C 107 1.78 -28.89 0.16
CA ILE C 107 3.11 -28.27 0.39
C ILE C 107 3.23 -27.03 -0.55
N ALA C 108 2.58 -27.07 -1.72
CA ALA C 108 2.54 -26.00 -2.71
C ALA C 108 1.73 -24.80 -2.26
N VAL C 109 0.82 -24.97 -1.33
CA VAL C 109 0.00 -23.86 -0.89
C VAL C 109 0.55 -23.33 0.44
N SER C 110 1.57 -23.99 1.02
CA SER C 110 2.08 -23.59 2.33
C SER C 110 3.51 -23.06 2.33
N GLY C 111 4.36 -23.53 1.44
CA GLY C 111 5.76 -23.12 1.51
C GLY C 111 6.54 -23.72 2.70
N LEU C 112 6.30 -25.02 2.96
CA LEU C 112 7.05 -25.82 3.91
C LEU C 112 8.30 -26.33 3.21
N ARG C 113 9.37 -26.68 3.97
CA ARG C 113 10.55 -27.35 3.42
C ARG C 113 10.15 -28.78 3.01
N HIS C 114 10.71 -29.28 1.89
CA HIS C 114 10.28 -30.58 1.40
C HIS C 114 11.45 -31.38 0.83
N PHE C 115 11.53 -32.67 1.22
CA PHE C 115 12.47 -33.67 0.75
C PHE C 115 11.69 -34.91 0.36
N GLU C 116 12.05 -35.56 -0.75
CA GLU C 116 11.29 -36.74 -1.19
C GLU C 116 12.13 -38.01 -1.25
N ILE C 117 11.51 -39.13 -0.82
CA ILE C 117 12.08 -40.48 -0.84
C ILE C 117 11.68 -41.14 -2.16
N GLY C 118 12.68 -41.53 -2.95
CA GLY C 118 12.45 -42.20 -4.22
C GLY C 118 12.10 -43.66 -4.05
N LEU C 119 11.86 -44.34 -5.18
CA LEU C 119 11.54 -45.77 -5.15
C LEU C 119 12.57 -46.60 -5.91
N THR C 120 12.71 -47.87 -5.50
CA THR C 120 13.56 -48.86 -6.18
C THR C 120 12.80 -49.31 -7.43
N ASP C 121 13.40 -50.22 -8.22
CA ASP C 121 12.71 -50.75 -9.41
C ASP C 121 11.54 -51.68 -8.97
N ASP C 122 11.62 -52.19 -7.72
CA ASP C 122 10.64 -53.04 -7.04
C ASP C 122 9.48 -52.23 -6.45
N LEU C 123 9.56 -50.87 -6.57
CA LEU C 123 8.57 -49.86 -6.13
C LEU C 123 8.53 -49.74 -4.60
N LEU C 124 9.62 -50.13 -3.96
CA LEU C 124 9.85 -50.04 -2.52
C LEU C 124 10.60 -48.74 -2.20
N LEU C 125 10.55 -48.28 -0.94
CA LEU C 125 11.26 -47.05 -0.56
C LEU C 125 12.78 -47.22 -0.74
N ASP C 126 13.43 -46.20 -1.36
CA ASP C 126 14.87 -46.20 -1.61
C ASP C 126 15.62 -46.10 -0.29
N PRO C 127 16.42 -47.13 0.06
CA PRO C 127 17.14 -47.11 1.34
C PRO C 127 18.07 -45.92 1.54
N ASN C 128 18.65 -45.37 0.45
CA ASN C 128 19.59 -44.25 0.50
C ASN C 128 18.89 -42.99 0.91
N ASP C 129 17.66 -42.77 0.40
CA ASP C 129 16.85 -41.62 0.75
C ASP C 129 16.26 -41.80 2.15
N LEU C 130 15.84 -43.02 2.48
CA LEU C 130 15.26 -43.37 3.77
C LEU C 130 16.29 -43.16 4.92
N ALA C 131 17.57 -43.28 4.59
CA ALA C 131 18.68 -43.07 5.53
C ALA C 131 18.88 -41.56 5.82
N GLN C 132 18.31 -40.68 4.99
CA GLN C 132 18.45 -39.23 5.17
C GLN C 132 17.36 -38.67 6.06
N VAL C 133 16.41 -39.52 6.51
CA VAL C 133 15.34 -39.07 7.41
C VAL C 133 15.96 -38.77 8.80
N SER C 134 15.72 -37.53 9.35
CA SER C 134 16.25 -37.05 10.65
C SER C 134 15.13 -36.65 11.64
N ARG C 135 15.49 -36.32 12.89
CA ARG C 135 14.55 -35.91 13.94
C ARG C 135 13.98 -34.50 13.68
N ASP C 136 14.46 -33.82 12.62
CA ASP C 136 13.97 -32.53 12.16
C ASP C 136 12.85 -32.71 11.14
N ASP C 137 12.59 -33.99 10.76
CA ASP C 137 11.64 -34.33 9.71
C ASP C 137 10.32 -34.82 10.21
N CYS C 138 9.28 -34.42 9.48
CA CYS C 138 7.92 -34.89 9.64
C CYS C 138 7.63 -35.77 8.42
N VAL C 139 7.61 -37.09 8.62
CA VAL C 139 7.45 -38.02 7.52
C VAL C 139 5.97 -38.36 7.35
N VAL C 140 5.44 -38.14 6.12
CA VAL C 140 4.04 -38.39 5.74
C VAL C 140 4.05 -39.45 4.62
N LEU C 141 3.62 -40.70 4.93
CA LEU C 141 3.58 -41.80 3.98
C LEU C 141 2.23 -42.52 3.96
N ALA C 142 1.83 -43.01 2.77
CA ALA C 142 0.60 -43.79 2.61
C ALA C 142 0.92 -45.28 2.74
N ASN C 143 0.20 -46.01 3.61
CA ASN C 143 0.38 -47.44 3.82
C ASN C 143 -0.98 -48.17 3.83
N PRO C 144 -1.34 -48.96 2.78
CA PRO C 144 -0.60 -49.25 1.54
C PRO C 144 -0.43 -47.99 0.69
N SER C 145 0.58 -47.96 -0.18
CA SER C 145 0.87 -46.78 -1.01
C SER C 145 -0.04 -46.66 -2.26
N ASN C 146 -0.35 -45.43 -2.63
CA ASN C 146 -1.07 -45.07 -3.84
C ASN C 146 -0.05 -44.40 -4.77
N PRO C 147 0.26 -44.93 -5.99
CA PRO C 147 -0.45 -45.98 -6.75
C PRO C 147 0.24 -47.36 -6.83
N THR C 148 1.28 -47.60 -6.01
CA THR C 148 2.07 -48.85 -6.12
C THR C 148 1.35 -50.05 -5.50
N GLY C 149 0.49 -49.80 -4.52
CA GLY C 149 -0.22 -50.85 -3.81
C GLY C 149 0.66 -51.56 -2.80
N GLN C 150 1.90 -51.08 -2.61
CA GLN C 150 2.90 -51.66 -1.73
C GLN C 150 2.68 -51.23 -0.31
N ALA C 151 3.00 -52.14 0.62
CA ALA C 151 2.91 -51.96 2.06
C ALA C 151 4.29 -51.75 2.66
N LEU C 152 4.41 -50.87 3.68
CA LEU C 152 5.66 -50.62 4.39
C LEU C 152 6.08 -51.86 5.15
N SER C 153 7.35 -52.25 5.02
CA SER C 153 7.85 -53.45 5.72
C SER C 153 8.06 -53.15 7.22
N ALA C 154 8.20 -54.21 8.01
CA ALA C 154 8.50 -54.14 9.44
C ALA C 154 9.77 -53.31 9.70
N GLY C 155 10.82 -53.57 8.88
CA GLY C 155 12.09 -52.89 8.90
C GLY C 155 11.99 -51.42 8.54
N GLU C 156 11.19 -51.09 7.51
CA GLU C 156 10.96 -49.69 7.10
C GLU C 156 10.28 -48.90 8.24
N LEU C 157 9.14 -49.42 8.77
CA LEU C 157 8.40 -48.80 9.88
C LEU C 157 9.29 -48.64 11.11
N ASP C 158 10.12 -49.66 11.43
CA ASP C 158 11.02 -49.61 12.56
C ASP C 158 12.02 -48.48 12.38
N GLN C 159 12.66 -48.41 11.18
CA GLN C 159 13.64 -47.37 10.85
C GLN C 159 13.00 -45.97 10.96
N LEU C 160 11.78 -45.80 10.39
CA LEU C 160 11.07 -44.52 10.44
C LEU C 160 10.78 -44.08 11.87
N ARG C 161 10.27 -45.01 12.70
CA ARG C 161 9.91 -44.74 14.10
C ARG C 161 11.12 -44.33 14.95
N GLN C 162 12.34 -44.76 14.59
CA GLN C 162 13.46 -44.35 15.42
C GLN C 162 14.26 -43.19 14.78
N ARG C 163 14.11 -42.92 13.47
CA ARG C 163 14.79 -41.82 12.78
C ARG C 163 13.97 -40.51 12.66
N ALA C 164 12.64 -40.57 12.44
CA ALA C 164 11.85 -39.34 12.19
C ALA C 164 11.49 -38.59 13.47
N GLY C 165 11.26 -37.29 13.31
CA GLY C 165 10.82 -36.39 14.38
C GLY C 165 9.37 -36.61 14.67
N LYS C 166 8.53 -36.64 13.60
CA LYS C 166 7.08 -36.91 13.57
C LYS C 166 6.79 -37.85 12.42
N LEU C 167 5.75 -38.69 12.56
CA LEU C 167 5.35 -39.62 11.52
C LEU C 167 3.84 -39.65 11.38
N LEU C 168 3.36 -39.46 10.15
CA LEU C 168 1.94 -39.59 9.80
C LEU C 168 1.79 -40.75 8.80
N ILE C 169 1.04 -41.78 9.16
CA ILE C 169 0.77 -42.89 8.26
C ILE C 169 -0.66 -42.76 7.76
N ASP C 170 -0.82 -42.56 6.46
CA ASP C 170 -2.10 -42.43 5.81
C ASP C 170 -2.58 -43.84 5.43
N GLU C 171 -3.50 -44.40 6.23
CA GLU C 171 -4.02 -45.75 6.06
C GLU C 171 -5.36 -45.78 5.28
N THR C 172 -5.49 -44.94 4.23
CA THR C 172 -6.68 -44.86 3.36
C THR C 172 -7.04 -46.25 2.79
N TYR C 173 -6.04 -47.04 2.39
CA TYR C 173 -6.32 -48.32 1.72
C TYR C 173 -6.12 -49.54 2.62
N VAL C 174 -6.02 -49.37 3.95
CA VAL C 174 -5.74 -50.47 4.90
C VAL C 174 -6.83 -51.58 4.83
N ASP C 175 -8.10 -51.24 4.55
CA ASP C 175 -9.21 -52.22 4.56
C ASP C 175 -9.02 -53.33 3.53
N TYR C 176 -8.15 -53.12 2.52
CA TYR C 176 -7.89 -54.12 1.50
C TYR C 176 -6.53 -54.79 1.74
N SER C 177 -5.85 -54.44 2.87
CA SER C 177 -4.54 -55.01 3.20
C SER C 177 -4.65 -56.35 4.03
N SER C 178 -3.46 -56.89 4.36
CA SER C 178 -3.27 -58.11 5.12
C SER C 178 -2.92 -57.79 6.59
N PHE C 179 -2.94 -56.50 6.96
CA PHE C 179 -2.58 -56.08 8.31
C PHE C 179 -3.74 -55.29 8.97
N ARG C 180 -4.99 -55.68 8.71
CA ARG C 180 -6.16 -55.04 9.33
C ARG C 180 -6.23 -55.30 10.85
N ALA C 181 -5.75 -56.48 11.28
CA ALA C 181 -5.76 -56.91 12.69
C ALA C 181 -4.86 -56.04 13.56
N ARG C 182 -3.77 -55.55 12.98
CA ARG C 182 -2.75 -54.71 13.62
C ARG C 182 -3.39 -53.48 14.35
N GLY C 183 -4.40 -52.86 13.74
CA GLY C 183 -5.07 -51.72 14.34
C GLY C 183 -4.34 -50.37 14.26
N LEU C 184 -4.75 -49.44 15.16
CA LEU C 184 -4.26 -48.07 15.18
C LEU C 184 -2.98 -47.92 15.97
N ALA C 185 -1.98 -47.27 15.34
CA ALA C 185 -0.66 -46.98 15.87
C ALA C 185 -0.43 -45.45 15.95
N TYR C 186 -0.53 -44.89 17.15
CA TYR C 186 -0.34 -43.47 17.39
C TYR C 186 0.28 -43.31 18.78
N GLY C 187 0.99 -42.21 18.96
CA GLY C 187 1.70 -41.89 20.20
C GLY C 187 2.30 -40.51 20.16
N GLU C 188 3.23 -40.23 21.09
CA GLU C 188 3.92 -38.94 21.28
C GLU C 188 4.34 -38.33 19.94
N ASN C 189 4.95 -39.13 19.02
CA ASN C 189 5.48 -38.64 17.74
C ASN C 189 4.91 -39.38 16.51
N GLU C 190 3.72 -39.95 16.63
CA GLU C 190 3.13 -40.69 15.55
C GLU C 190 1.61 -40.49 15.53
N LEU C 191 1.10 -40.26 14.32
CA LEU C 191 -0.32 -40.09 14.00
C LEU C 191 -0.72 -41.04 12.85
N VAL C 192 -2.01 -41.40 12.80
CA VAL C 192 -2.51 -42.27 11.75
C VAL C 192 -3.83 -41.66 11.20
N PHE C 193 -4.03 -41.73 9.89
CA PHE C 193 -5.25 -41.23 9.23
C PHE C 193 -6.01 -42.39 8.57
N ARG C 194 -7.34 -42.40 8.75
CA ARG C 194 -8.27 -43.35 8.14
C ARG C 194 -9.31 -42.57 7.31
N SER C 195 -9.62 -43.06 6.09
CA SER C 195 -10.56 -42.44 5.15
C SER C 195 -11.89 -43.18 5.15
N PHE C 196 -13.01 -42.45 4.92
CA PHE C 196 -14.32 -43.11 4.82
C PHE C 196 -14.75 -43.13 3.34
N SER C 197 -13.82 -42.78 2.43
CA SER C 197 -14.08 -42.63 0.99
C SER C 197 -14.08 -43.97 0.20
N LYS C 198 -13.36 -45.00 0.69
CA LYS C 198 -13.23 -46.23 -0.07
C LYS C 198 -14.18 -47.30 0.49
N SER C 199 -13.69 -48.25 1.31
CA SER C 199 -14.47 -49.34 1.89
C SER C 199 -15.82 -48.86 2.49
N TYR C 200 -15.85 -47.68 3.14
CA TYR C 200 -17.05 -47.16 3.79
C TYR C 200 -18.04 -46.52 2.80
N GLY C 201 -17.59 -46.27 1.57
CA GLY C 201 -18.40 -45.73 0.47
C GLY C 201 -18.90 -44.30 0.58
N LEU C 202 -18.13 -43.41 1.26
CA LEU C 202 -18.53 -42.01 1.39
C LEU C 202 -17.58 -41.05 0.64
N ALA C 203 -17.05 -41.47 -0.53
CA ALA C 203 -16.11 -40.66 -1.34
C ALA C 203 -16.63 -39.25 -1.65
N GLY C 204 -17.93 -39.12 -1.91
CA GLY C 204 -18.56 -37.85 -2.22
C GLY C 204 -18.69 -36.90 -1.05
N LEU C 205 -18.39 -37.37 0.19
CA LEU C 205 -18.50 -36.54 1.40
C LEU C 205 -17.14 -36.06 1.85
N ARG C 206 -16.07 -36.74 1.38
CA ARG C 206 -14.68 -36.46 1.68
C ARG C 206 -14.49 -36.24 3.24
N LEU C 207 -14.61 -37.35 3.99
CA LEU C 207 -14.44 -37.41 5.44
C LEU C 207 -13.33 -38.39 5.81
N GLY C 208 -12.71 -38.11 6.94
CA GLY C 208 -11.64 -38.94 7.49
C GLY C 208 -11.49 -38.74 8.97
N ALA C 209 -10.77 -39.68 9.63
CA ALA C 209 -10.47 -39.65 11.05
C ALA C 209 -8.97 -39.62 11.26
N LEU C 210 -8.49 -38.69 12.09
CA LEU C 210 -7.07 -38.56 12.42
C LEU C 210 -6.88 -38.99 13.87
N PHE C 211 -5.91 -39.87 14.12
CA PHE C 211 -5.62 -40.38 15.46
C PHE C 211 -4.23 -39.93 15.88
N GLY C 212 -4.12 -39.44 17.10
CA GLY C 212 -2.85 -38.96 17.63
C GLY C 212 -2.86 -38.69 19.11
N PRO C 213 -1.73 -38.14 19.64
CA PRO C 213 -1.64 -37.84 21.08
C PRO C 213 -2.63 -36.77 21.47
N SER C 214 -3.22 -36.88 22.67
CA SER C 214 -4.32 -36.02 23.10
C SER C 214 -4.02 -34.48 23.04
N GLU C 215 -2.88 -33.97 23.52
CA GLU C 215 -2.70 -32.49 23.52
C GLU C 215 -2.54 -31.95 22.10
N LEU C 216 -1.95 -32.72 21.16
CA LEU C 216 -1.82 -32.29 19.76
C LEU C 216 -3.22 -32.27 19.15
N ILE C 217 -4.04 -33.33 19.42
CA ILE C 217 -5.42 -33.43 18.89
C ILE C 217 -6.28 -32.24 19.41
N ALA C 218 -6.25 -31.96 20.72
CA ALA C 218 -6.97 -30.86 21.35
C ALA C 218 -6.61 -29.51 20.72
N ALA C 219 -5.30 -29.30 20.46
CA ALA C 219 -4.76 -28.08 19.90
C ALA C 219 -5.30 -27.83 18.49
N LYS C 221 -8.09 -29.29 17.15
CA LYS C 221 -9.56 -29.14 17.27
C LYS C 221 -9.94 -27.68 17.52
N ARG C 222 -9.11 -26.95 18.31
CA ARG C 222 -9.35 -25.53 18.61
CA ARG C 222 -9.33 -25.54 18.62
C ARG C 222 -9.24 -24.69 17.34
N LYS C 223 -8.38 -25.12 16.40
CA LYS C 223 -8.19 -24.37 15.16
C LYS C 223 -9.24 -24.77 14.10
N GLN C 224 -9.98 -25.89 14.31
CA GLN C 224 -11.02 -26.34 13.36
C GLN C 224 -12.16 -25.34 13.29
N TRP C 225 -12.88 -25.35 12.16
CA TRP C 225 -13.98 -24.41 11.92
C TRP C 225 -15.23 -24.85 12.65
N PHE C 226 -16.07 -23.90 13.00
CA PHE C 226 -17.34 -24.18 13.64
C PHE C 226 -18.24 -24.92 12.66
N CYS C 227 -18.85 -26.05 13.13
CA CYS C 227 -19.76 -26.90 12.34
C CYS C 227 -19.07 -27.30 11.01
N ASN C 228 -17.79 -27.73 11.12
CA ASN C 228 -16.95 -28.14 9.99
C ASN C 228 -17.63 -29.28 9.20
N VAL C 229 -18.28 -30.22 9.92
CA VAL C 229 -19.03 -31.35 9.32
C VAL C 229 -20.53 -31.17 9.66
N GLY C 230 -21.31 -30.87 8.64
CA GLY C 230 -22.74 -30.60 8.73
C GLY C 230 -23.59 -31.78 9.09
N THR C 231 -24.87 -31.50 9.35
CA THR C 231 -25.87 -32.46 9.76
C THR C 231 -26.06 -33.60 8.73
N LEU C 232 -26.01 -33.33 7.41
CA LEU C 232 -26.17 -34.39 6.41
C LEU C 232 -24.99 -35.39 6.42
N ASP C 233 -23.74 -34.86 6.42
CA ASP C 233 -22.54 -35.70 6.43
C ASP C 233 -22.44 -36.47 7.76
N LEU C 234 -22.80 -35.84 8.90
CA LEU C 234 -22.77 -36.49 10.20
C LEU C 234 -23.74 -37.68 10.27
N HIS C 235 -24.99 -37.54 9.79
CA HIS C 235 -25.96 -38.65 9.81
C HIS C 235 -25.59 -39.72 8.82
N ALA C 236 -24.91 -39.36 7.72
CA ALA C 236 -24.42 -40.33 6.73
C ALA C 236 -23.29 -41.17 7.34
N LEU C 237 -22.27 -40.50 7.92
CA LEU C 237 -21.15 -41.16 8.56
C LEU C 237 -21.63 -42.09 9.68
N GLU C 238 -22.57 -41.61 10.51
CA GLU C 238 -23.10 -42.40 11.61
C GLU C 238 -23.70 -43.73 11.12
N ALA C 239 -24.55 -43.69 10.06
CA ALA C 239 -25.21 -44.86 9.49
C ALA C 239 -24.20 -45.76 8.79
N ALA C 240 -23.13 -45.16 8.21
CA ALA C 240 -22.07 -45.91 7.53
C ALA C 240 -21.23 -46.75 8.49
N LEU C 241 -21.07 -46.30 9.75
CA LEU C 241 -20.29 -46.97 10.78
C LEU C 241 -21.04 -48.18 11.30
N ASP C 242 -22.39 -48.16 11.20
CA ASP C 242 -23.19 -49.33 11.59
C ASP C 242 -23.61 -50.09 10.29
N ASN C 243 -22.62 -50.46 9.46
CA ASN C 243 -22.83 -51.09 8.14
C ASN C 243 -21.68 -52.08 7.85
N ASP C 244 -21.26 -52.82 8.89
CA ASP C 244 -20.13 -53.75 8.82
C ASP C 244 -20.42 -54.94 7.88
N ARG C 245 -21.68 -55.41 7.80
CA ARG C 245 -22.04 -56.54 6.95
C ARG C 245 -21.73 -56.22 5.47
N ALA C 246 -22.22 -55.09 4.95
CA ALA C 246 -21.99 -54.64 3.57
C ALA C 246 -20.50 -54.30 3.31
N ARG C 247 -19.84 -53.66 4.28
CA ARG C 247 -18.45 -53.24 4.19
C ARG C 247 -17.55 -54.47 4.08
N GLU C 248 -17.80 -55.52 4.91
CA GLU C 248 -17.03 -56.76 4.87
C GLU C 248 -17.25 -57.53 3.58
N ALA C 249 -18.47 -57.48 3.02
CA ALA C 249 -18.81 -58.16 1.77
C ALA C 249 -18.11 -57.47 0.59
N HIS C 250 -17.97 -56.12 0.64
CA HIS C 250 -17.27 -55.33 -0.36
C HIS C 250 -15.76 -55.62 -0.31
N ILE C 251 -15.19 -55.72 0.91
CA ILE C 251 -13.77 -56.01 1.11
C ILE C 251 -13.46 -57.44 0.55
N ALA C 252 -14.26 -58.43 0.91
CA ALA C 252 -14.10 -59.82 0.48
C ALA C 252 -14.13 -59.95 -1.05
N LYS C 253 -15.12 -59.31 -1.69
CA LYS C 253 -15.33 -59.31 -3.14
C LYS C 253 -14.16 -58.58 -3.83
N THR C 254 -13.69 -57.46 -3.24
CA THR C 254 -12.57 -56.70 -3.80
C THR C 254 -11.29 -57.57 -3.80
N LEU C 255 -11.00 -58.28 -2.70
CA LEU C 255 -9.80 -59.12 -2.62
C LEU C 255 -9.82 -60.23 -3.67
N ALA C 256 -10.99 -60.85 -3.89
CA ALA C 256 -11.20 -61.95 -4.84
C ALA C 256 -11.10 -61.46 -6.28
N GLN C 257 -11.73 -60.30 -6.57
CA GLN C 257 -11.70 -59.70 -7.92
C GLN C 257 -10.29 -59.12 -8.25
N ARG C 258 -9.54 -58.62 -7.24
CA ARG C 258 -8.15 -58.14 -7.40
C ARG C 258 -7.25 -59.32 -7.80
N ARG C 259 -7.49 -60.48 -7.19
CA ARG C 259 -6.73 -61.67 -7.48
C ARG C 259 -7.05 -62.10 -8.91
N ARG C 260 -8.36 -62.12 -9.30
CA ARG C 260 -8.82 -62.50 -10.64
C ARG C 260 -8.17 -61.60 -11.70
N VAL C 261 -8.30 -60.27 -11.56
CA VAL C 261 -7.80 -59.28 -12.52
C VAL C 261 -6.26 -59.38 -12.63
N ALA C 262 -5.53 -59.46 -11.52
CA ALA C 262 -4.06 -59.58 -11.54
C ALA C 262 -3.61 -60.85 -12.26
N ASP C 263 -4.21 -62.01 -11.94
CA ASP C 263 -3.84 -63.29 -12.55
C ASP C 263 -4.18 -63.31 -14.04
N ALA C 264 -5.38 -62.82 -14.43
CA ALA C 264 -5.82 -62.79 -15.84
C ALA C 264 -4.95 -61.87 -16.69
N LEU C 265 -4.59 -60.65 -16.18
CA LEU C 265 -3.73 -59.72 -16.92
C LEU C 265 -2.32 -60.30 -17.11
N ARG C 266 -1.77 -60.97 -16.07
CA ARG C 266 -0.42 -61.58 -16.18
C ARG C 266 -0.42 -62.73 -17.22
N GLY C 267 -1.54 -63.42 -17.32
CA GLY C 267 -1.75 -64.50 -18.29
C GLY C 267 -1.91 -63.96 -19.69
N LEU C 268 -2.32 -62.68 -19.84
CA LEU C 268 -2.44 -61.97 -21.12
C LEU C 268 -1.08 -61.32 -21.51
N GLY C 269 -0.09 -61.41 -20.62
CA GLY C 269 1.25 -60.89 -20.84
C GLY C 269 1.59 -59.56 -20.22
N TYR C 270 0.64 -58.95 -19.47
CA TYR C 270 0.87 -57.68 -18.80
C TYR C 270 1.74 -57.87 -17.55
N ARG C 271 2.49 -56.82 -17.16
CA ARG C 271 3.33 -56.86 -15.96
C ARG C 271 2.61 -56.04 -14.89
N VAL C 272 2.06 -56.78 -13.92
CA VAL C 272 1.21 -56.27 -12.84
C VAL C 272 1.94 -56.39 -11.52
N ALA C 273 1.97 -55.28 -10.77
CA ALA C 273 2.59 -55.22 -9.45
C ALA C 273 1.68 -55.79 -8.38
N SER C 274 2.26 -56.37 -7.30
CA SER C 274 1.49 -56.84 -6.15
C SER C 274 0.72 -55.65 -5.54
N SER C 275 -0.42 -55.91 -4.89
CA SER C 275 -1.24 -54.84 -4.33
C SER C 275 -1.91 -55.25 -3.05
N GLU C 276 -1.94 -54.32 -2.11
CA GLU C 276 -2.62 -54.43 -0.84
C GLU C 276 -3.80 -53.44 -0.81
N ALA C 277 -4.19 -52.88 -1.96
CA ALA C 277 -5.26 -51.88 -2.07
C ALA C 277 -6.41 -52.35 -2.97
N ASN C 278 -7.29 -51.44 -3.44
CA ASN C 278 -8.43 -51.84 -4.28
C ASN C 278 -8.15 -51.51 -5.76
N PHE C 279 -6.91 -51.72 -6.17
CA PHE C 279 -6.41 -51.43 -7.50
C PHE C 279 -5.15 -52.20 -7.78
N VAL C 280 -4.71 -52.21 -9.04
CA VAL C 280 -3.45 -52.84 -9.44
C VAL C 280 -2.67 -51.87 -10.35
N LEU C 281 -1.31 -51.79 -10.14
CA LEU C 281 -0.44 -50.99 -10.99
C LEU C 281 0.07 -51.89 -12.12
N VAL C 282 -0.17 -51.47 -13.39
CA VAL C 282 0.22 -52.25 -14.58
C VAL C 282 1.19 -51.43 -15.43
N GLU C 283 2.26 -52.07 -15.96
CA GLU C 283 3.24 -51.43 -16.85
C GLU C 283 2.56 -51.09 -18.15
N ASN C 284 2.82 -49.89 -18.66
CA ASN C 284 2.23 -49.42 -19.91
C ASN C 284 3.26 -48.65 -20.77
N ALA C 285 4.17 -49.37 -21.41
CA ALA C 285 5.18 -48.74 -22.28
C ALA C 285 4.54 -48.01 -23.47
N ALA C 286 3.37 -48.50 -23.94
CA ALA C 286 2.62 -47.98 -25.08
C ALA C 286 2.09 -46.54 -24.83
N GLY C 287 2.09 -46.10 -23.57
CA GLY C 287 1.68 -44.76 -23.16
C GLY C 287 0.22 -44.47 -23.40
N GLU C 288 -0.06 -43.28 -23.94
CA GLU C 288 -1.38 -42.75 -24.28
C GLU C 288 -2.18 -43.68 -25.19
N ARG C 289 -1.52 -44.38 -26.14
CA ARG C 289 -2.15 -45.33 -27.09
C ARG C 289 -3.11 -46.28 -26.37
N THR C 290 -2.74 -46.74 -25.17
CA THR C 290 -3.53 -47.67 -24.36
C THR C 290 -4.78 -46.97 -23.80
N LEU C 291 -4.60 -45.78 -23.20
CA LEU C 291 -5.67 -44.99 -22.61
C LEU C 291 -6.71 -44.62 -23.66
N ARG C 292 -6.25 -44.23 -24.87
CA ARG C 292 -7.08 -43.87 -26.02
C ARG C 292 -7.91 -45.10 -26.46
N PHE C 293 -7.28 -46.30 -26.50
CA PHE C 293 -7.92 -47.57 -26.84
C PHE C 293 -9.04 -47.92 -25.86
N LEU C 294 -8.77 -47.77 -24.57
CA LEU C 294 -9.72 -48.06 -23.51
C LEU C 294 -10.87 -47.04 -23.53
N ARG C 295 -10.56 -45.73 -23.76
CA ARG C 295 -11.59 -44.69 -23.84
C ARG C 295 -12.54 -44.93 -25.02
N GLU C 296 -12.02 -45.48 -26.13
CA GLU C 296 -12.85 -45.82 -27.30
C GLU C 296 -13.85 -46.90 -26.95
N ARG C 297 -13.50 -47.74 -25.97
CA ARG C 297 -14.32 -48.86 -25.53
C ARG C 297 -15.08 -48.51 -24.26
N GLY C 298 -15.12 -47.24 -23.93
CA GLY C 298 -15.84 -46.76 -22.76
C GLY C 298 -15.29 -47.16 -21.41
N ILE C 299 -14.00 -47.44 -21.32
CA ILE C 299 -13.34 -47.77 -20.06
C ILE C 299 -12.38 -46.62 -19.71
N GLN C 300 -12.48 -46.15 -18.47
CA GLN C 300 -11.66 -45.09 -17.92
C GLN C 300 -10.77 -45.69 -16.82
N VAL C 301 -9.44 -45.68 -17.02
CA VAL C 301 -8.45 -46.11 -16.03
C VAL C 301 -7.65 -44.82 -15.64
N LYS C 302 -6.70 -44.91 -14.70
CA LYS C 302 -5.88 -43.78 -14.24
C LYS C 302 -4.44 -43.87 -14.79
N ASP C 303 -3.93 -42.75 -15.33
CA ASP C 303 -2.55 -42.60 -15.80
C ASP C 303 -1.68 -42.35 -14.57
N ALA C 304 -0.81 -43.32 -14.20
CA ALA C 304 0.02 -43.22 -13.01
C ALA C 304 1.15 -42.17 -13.16
N GLY C 305 1.19 -41.48 -14.32
CA GLY C 305 2.12 -40.38 -14.59
C GLY C 305 1.87 -39.24 -13.63
N GLN C 306 0.62 -39.15 -13.13
CA GLN C 306 0.12 -38.17 -12.16
C GLN C 306 0.90 -38.25 -10.87
N PHE C 307 1.39 -39.47 -10.54
CA PHE C 307 2.11 -39.80 -9.32
C PHE C 307 3.62 -39.99 -9.56
N GLY C 308 4.10 -39.70 -10.77
CA GLY C 308 5.51 -39.78 -11.13
C GLY C 308 5.90 -41.11 -11.75
N LEU C 309 4.90 -42.00 -11.91
CA LEU C 309 5.11 -43.31 -12.52
C LEU C 309 4.56 -43.32 -13.93
N HIS C 310 5.24 -42.59 -14.83
CA HIS C 310 4.86 -42.52 -16.24
C HIS C 310 4.97 -43.88 -16.86
N HIS C 311 4.16 -44.12 -17.90
CA HIS C 311 4.15 -45.38 -18.64
C HIS C 311 3.78 -46.57 -17.70
N HIS C 312 2.78 -46.29 -16.87
CA HIS C 312 2.10 -47.16 -15.93
C HIS C 312 0.63 -46.74 -15.87
N ILE C 313 -0.26 -47.69 -15.59
CA ILE C 313 -1.67 -47.36 -15.41
C ILE C 313 -2.13 -48.00 -14.09
N ARG C 314 -3.01 -47.29 -13.37
CA ARG C 314 -3.58 -47.77 -12.12
C ARG C 314 -5.02 -48.13 -12.42
N ILE C 315 -5.31 -49.43 -12.40
CA ILE C 315 -6.64 -49.97 -12.69
C ILE C 315 -7.37 -50.28 -11.37
N SER C 316 -8.51 -49.64 -11.10
CA SER C 316 -9.27 -49.90 -9.88
C SER C 316 -10.02 -51.22 -10.01
N ILE C 317 -10.34 -51.86 -8.88
CA ILE C 317 -11.14 -53.06 -8.89
C ILE C 317 -12.59 -52.63 -8.65
N GLY C 318 -13.47 -52.99 -9.59
CA GLY C 318 -14.90 -52.71 -9.49
C GLY C 318 -15.74 -53.97 -9.37
N ARG C 319 -17.07 -53.85 -9.68
CA ARG C 319 -17.99 -54.99 -9.66
CA ARG C 319 -17.99 -55.00 -9.64
C ARG C 319 -17.53 -56.04 -10.67
N GLU C 320 -17.93 -57.32 -10.49
CA GLU C 320 -17.55 -58.42 -11.38
C GLU C 320 -17.74 -58.02 -12.87
N GLU C 321 -18.89 -57.45 -13.22
CA GLU C 321 -19.22 -57.05 -14.59
C GLU C 321 -18.32 -55.89 -15.07
N ASP C 322 -17.77 -55.06 -14.15
CA ASP C 322 -16.89 -53.96 -14.52
C ASP C 322 -15.54 -54.52 -14.94
N ASN C 323 -15.05 -55.49 -14.17
CA ASN C 323 -13.78 -56.15 -14.39
C ASN C 323 -13.87 -57.10 -15.61
N ASP C 324 -15.08 -57.64 -15.90
CA ASP C 324 -15.30 -58.48 -17.07
C ASP C 324 -14.98 -57.69 -18.35
N ARG C 325 -15.45 -56.45 -18.39
CA ARG C 325 -15.29 -55.50 -19.50
C ARG C 325 -13.83 -55.06 -19.66
N LEU C 326 -13.16 -54.71 -18.54
CA LEU C 326 -11.75 -54.32 -18.58
C LEU C 326 -10.90 -55.45 -19.13
N LEU C 327 -11.05 -56.66 -18.57
CA LEU C 327 -10.27 -57.82 -19.00
C LEU C 327 -10.52 -58.15 -20.49
N ALA C 328 -11.76 -58.02 -20.98
CA ALA C 328 -12.10 -58.32 -22.39
C ALA C 328 -11.40 -57.31 -23.33
N ALA C 329 -11.37 -56.00 -22.92
CA ALA C 329 -10.73 -54.93 -23.70
C ALA C 329 -9.22 -55.11 -23.75
N LEU C 330 -8.56 -55.41 -22.60
CA LEU C 330 -7.11 -55.57 -22.58
C LEU C 330 -6.72 -56.95 -23.15
N ALA C 331 -7.66 -57.91 -23.22
CA ALA C 331 -7.36 -59.16 -23.92
C ALA C 331 -7.23 -58.84 -25.41
N GLU C 332 -8.15 -58.00 -25.94
CA GLU C 332 -8.19 -57.54 -27.33
C GLU C 332 -6.91 -56.72 -27.64
N TYR C 333 -6.51 -55.82 -26.73
CA TYR C 333 -5.34 -54.97 -26.88
C TYR C 333 -4.02 -55.77 -26.89
N SER C 334 -3.94 -56.94 -26.18
CA SER C 334 -2.70 -57.75 -26.14
C SER C 334 -2.43 -58.47 -27.51
N ASP C 335 -3.34 -58.29 -28.49
CA ASP C 335 -3.20 -58.81 -29.85
C ASP C 335 -2.73 -57.70 -30.80
N ALA D 18 -38.40 -28.02 23.43
CA ALA D 18 -37.96 -26.71 23.93
C ALA D 18 -38.00 -25.63 22.81
N VAL D 19 -38.39 -24.37 23.14
CA VAL D 19 -38.48 -23.22 22.21
C VAL D 19 -37.09 -22.60 22.04
N CYS D 20 -36.40 -22.91 20.94
CA CYS D 20 -35.05 -22.37 20.81
C CYS D 20 -35.07 -21.08 20.00
N LEU D 21 -34.76 -19.96 20.70
CA LEU D 21 -34.68 -18.60 20.19
C LEU D 21 -33.29 -18.00 20.55
N ALA D 22 -32.25 -18.81 20.39
CA ALA D 22 -30.93 -18.43 20.80
C ALA D 22 -29.91 -18.52 19.68
N PHE D 23 -30.22 -19.13 18.51
CA PHE D 23 -29.18 -19.25 17.48
C PHE D 23 -29.57 -18.64 16.14
N ASN D 24 -30.62 -17.82 16.08
CA ASN D 24 -31.04 -17.09 14.86
C ASN D 24 -31.28 -18.04 13.67
N GLU D 25 -31.77 -19.26 13.94
CA GLU D 25 -32.05 -20.24 12.91
C GLU D 25 -33.37 -19.92 12.17
N ASN D 26 -33.48 -20.40 10.90
CA ASN D 26 -34.74 -20.34 10.13
C ASN D 26 -35.67 -21.38 10.76
N PRO D 27 -36.83 -20.99 11.34
CA PRO D 27 -37.67 -21.97 12.08
C PRO D 27 -38.60 -22.81 11.20
N GLU D 28 -38.73 -22.47 9.90
CA GLU D 28 -39.61 -23.14 8.96
C GLU D 28 -39.13 -24.54 8.63
N ALA D 29 -40.07 -25.35 8.13
CA ALA D 29 -39.84 -26.71 7.67
C ALA D 29 -39.03 -26.66 6.39
N VAL D 30 -38.15 -27.65 6.18
CA VAL D 30 -37.31 -27.72 4.98
C VAL D 30 -38.24 -28.06 3.77
N GLU D 31 -38.19 -27.23 2.72
CA GLU D 31 -39.03 -27.39 1.53
C GLU D 31 -38.86 -28.79 0.90
N PRO D 32 -39.97 -29.39 0.39
CA PRO D 32 -39.89 -30.74 -0.18
C PRO D 32 -38.89 -30.89 -1.31
N ARG D 33 -38.81 -29.90 -2.23
CA ARG D 33 -37.88 -30.00 -3.37
C ARG D 33 -36.42 -30.05 -2.90
N VAL D 34 -36.12 -29.38 -1.78
CA VAL D 34 -34.77 -29.37 -1.18
C VAL D 34 -34.49 -30.77 -0.63
N GLN D 35 -35.44 -31.35 0.14
CA GLN D 35 -35.31 -32.69 0.72
C GLN D 35 -35.18 -33.77 -0.37
N ALA D 36 -35.97 -33.67 -1.45
CA ALA D 36 -35.93 -34.62 -2.58
C ALA D 36 -34.56 -34.60 -3.26
N ALA D 37 -33.98 -33.40 -3.47
CA ALA D 37 -32.65 -33.27 -4.09
C ALA D 37 -31.59 -33.99 -3.25
N ILE D 38 -31.71 -33.91 -1.89
CA ILE D 38 -30.79 -34.56 -0.95
C ILE D 38 -30.98 -36.10 -1.07
N ALA D 39 -32.23 -36.58 -1.07
CA ALA D 39 -32.56 -38.01 -1.17
C ALA D 39 -32.00 -38.65 -2.46
N ALA D 40 -31.97 -37.88 -3.55
CA ALA D 40 -31.48 -38.33 -4.84
C ALA D 40 -29.94 -38.35 -4.85
N ALA D 41 -29.30 -37.35 -4.21
CA ALA D 41 -27.85 -37.32 -4.12
C ALA D 41 -27.32 -38.45 -3.23
N ALA D 42 -28.13 -38.90 -2.25
CA ALA D 42 -27.80 -39.94 -1.29
C ALA D 42 -27.43 -41.26 -1.99
N ALA D 43 -28.01 -41.53 -3.16
CA ALA D 43 -27.76 -42.77 -3.90
C ALA D 43 -26.37 -42.76 -4.63
N ARG D 44 -25.67 -41.61 -4.63
CA ARG D 44 -24.39 -41.46 -5.33
C ARG D 44 -23.28 -40.90 -4.43
N ILE D 45 -23.41 -41.04 -3.09
CA ILE D 45 -22.39 -40.53 -2.14
C ILE D 45 -21.09 -41.35 -2.24
N ASN D 46 -21.09 -42.49 -2.96
CA ASN D 46 -19.93 -43.35 -3.15
C ASN D 46 -18.98 -42.82 -4.25
N ARG D 47 -19.41 -41.78 -4.99
CA ARG D 47 -18.65 -41.20 -6.09
C ARG D 47 -18.29 -39.74 -5.82
N TYR D 48 -17.12 -39.30 -6.30
CA TYR D 48 -16.70 -37.89 -6.17
C TYR D 48 -17.64 -36.98 -7.00
N PRO D 49 -18.09 -35.81 -6.46
CA PRO D 49 -19.05 -34.96 -7.20
C PRO D 49 -18.34 -34.09 -8.25
N PHE D 50 -17.67 -34.75 -9.22
CA PHE D 50 -16.88 -34.08 -10.24
C PHE D 50 -17.74 -33.23 -11.19
N ASP D 51 -18.98 -33.62 -11.43
CA ASP D 51 -19.85 -32.85 -12.31
C ASP D 51 -20.69 -31.85 -11.50
N ALA D 52 -21.09 -32.22 -10.27
CA ALA D 52 -21.92 -31.39 -9.41
C ALA D 52 -21.20 -30.11 -8.89
N GLU D 53 -19.90 -30.19 -8.53
CA GLU D 53 -19.17 -29.01 -8.01
C GLU D 53 -19.17 -27.85 -9.06
N PRO D 54 -18.70 -28.01 -10.34
CA PRO D 54 -18.75 -26.87 -11.30
C PRO D 54 -20.16 -26.40 -11.61
N ARG D 55 -21.14 -27.31 -11.61
CA ARG D 55 -22.54 -27.00 -11.90
C ARG D 55 -23.12 -26.06 -10.81
N VAL D 56 -22.84 -26.35 -9.53
CA VAL D 56 -23.34 -25.55 -8.41
C VAL D 56 -22.61 -24.17 -8.40
N ARG D 58 -21.64 -22.46 -11.02
CA ARG D 58 -22.34 -21.74 -12.07
C ARG D 58 -23.72 -21.31 -11.61
N LYS D 59 -24.40 -22.17 -10.82
CA LYS D 59 -25.72 -21.85 -10.27
C LYS D 59 -25.63 -20.66 -9.30
N LEU D 60 -24.57 -20.61 -8.47
CA LEU D 60 -24.29 -19.52 -7.54
C LEU D 60 -24.06 -18.22 -8.29
N ALA D 61 -23.30 -18.30 -9.40
CA ALA D 61 -22.97 -17.19 -10.29
C ALA D 61 -24.25 -16.59 -10.89
N GLU D 62 -25.19 -17.45 -11.29
CA GLU D 62 -26.51 -17.07 -11.80
C GLU D 62 -27.34 -16.35 -10.74
N HIS D 63 -27.43 -16.99 -9.57
CA HIS D 63 -28.21 -16.53 -8.45
C HIS D 63 -27.76 -15.12 -8.01
N PHE D 64 -26.45 -14.90 -7.85
CA PHE D 64 -25.95 -13.62 -7.36
C PHE D 64 -25.63 -12.63 -8.52
N SER D 65 -25.88 -13.06 -9.76
CA SER D 65 -25.72 -12.27 -11.00
C SER D 65 -24.31 -11.65 -11.06
N CYS D 66 -23.29 -12.51 -10.91
CA CYS D 66 -21.91 -12.07 -10.99
C CYS D 66 -21.09 -13.13 -11.70
N PRO D 67 -19.85 -12.84 -12.18
CA PRO D 67 -19.04 -13.92 -12.78
C PRO D 67 -18.56 -14.90 -11.73
N GLU D 68 -18.36 -16.17 -12.10
CA GLU D 68 -17.91 -17.22 -11.20
C GLU D 68 -16.50 -16.90 -10.66
N ASP D 69 -15.76 -16.08 -11.41
CA ASP D 69 -14.40 -15.62 -11.07
C ASP D 69 -14.40 -14.67 -9.84
N ASN D 70 -15.58 -14.13 -9.47
CA ASN D 70 -15.67 -13.19 -8.37
C ASN D 70 -16.34 -13.78 -7.12
N LEU D 71 -16.57 -15.10 -7.08
CA LEU D 71 -17.19 -15.71 -5.90
C LEU D 71 -16.49 -17.01 -5.52
N LEU D 73 -17.17 -20.44 -2.72
CA LEU D 73 -18.03 -21.21 -1.83
C LEU D 73 -17.19 -21.62 -0.63
N VAL D 74 -17.64 -21.29 0.59
CA VAL D 74 -16.83 -21.50 1.79
C VAL D 74 -17.63 -22.19 2.90
N ARG D 75 -16.90 -22.80 3.85
CA ARG D 75 -17.46 -23.42 5.04
C ARG D 75 -17.72 -22.33 6.11
N GLY D 76 -18.66 -21.43 5.80
CA GLY D 76 -19.04 -20.34 6.68
C GLY D 76 -18.05 -19.20 6.84
N ILE D 77 -18.36 -18.31 7.79
CA ILE D 77 -17.57 -17.12 8.09
C ILE D 77 -16.16 -17.52 8.65
N ASP D 78 -15.99 -18.70 9.30
CA ASP D 78 -14.67 -19.12 9.80
C ASP D 78 -13.69 -19.34 8.64
N GLU D 79 -14.10 -20.10 7.58
CA GLU D 79 -13.23 -20.31 6.41
C GLU D 79 -12.95 -19.00 5.72
N CYS D 80 -14.00 -18.21 5.57
CA CYS D 80 -13.94 -16.89 4.93
C CYS D 80 -12.86 -15.99 5.61
N PHE D 81 -12.92 -15.85 6.95
CA PHE D 81 -12.01 -15.01 7.70
C PHE D 81 -10.58 -15.53 7.58
N ASP D 82 -10.39 -16.87 7.67
CA ASP D 82 -9.08 -17.49 7.59
C ASP D 82 -8.41 -17.27 6.23
N ARG D 83 -9.13 -17.56 5.14
CA ARG D 83 -8.53 -17.49 3.82
C ARG D 83 -8.24 -16.02 3.43
N ILE D 84 -9.06 -15.03 3.90
CA ILE D 84 -8.79 -13.59 3.67
C ILE D 84 -7.56 -13.14 4.49
N SER D 85 -7.55 -13.46 5.80
CA SER D 85 -6.47 -13.02 6.68
C SER D 85 -5.11 -13.64 6.28
N ALA D 86 -5.10 -14.87 5.72
CA ALA D 86 -3.86 -15.52 5.23
C ALA D 86 -3.23 -14.72 4.06
N GLU D 87 -4.03 -13.91 3.34
CA GLU D 87 -3.54 -13.10 2.23
C GLU D 87 -3.09 -11.70 2.69
N PHE D 88 -3.50 -11.25 3.89
CA PHE D 88 -3.16 -9.92 4.43
C PHE D 88 -2.60 -10.01 5.85
N SER D 89 -1.82 -11.06 6.13
CA SER D 89 -1.29 -11.41 7.45
C SER D 89 -0.41 -10.28 8.10
N SER D 90 0.09 -9.31 7.33
CA SER D 90 0.90 -8.22 7.88
C SER D 90 0.03 -7.01 8.32
N ARG D 92 -3.18 -4.82 10.19
CA ARG D 92 -3.86 -4.78 11.47
C ARG D 92 -5.31 -5.03 11.20
N PHE D 93 -5.87 -6.03 11.88
CA PHE D 93 -7.25 -6.41 11.70
C PHE D 93 -8.09 -5.60 12.67
N VAL D 94 -9.18 -5.00 12.14
CA VAL D 94 -10.04 -4.11 12.89
C VAL D 94 -11.45 -4.66 12.88
N THR D 95 -12.00 -4.90 14.09
CA THR D 95 -13.36 -5.44 14.27
C THR D 95 -14.08 -4.64 15.33
N ALA D 96 -15.40 -4.80 15.44
CA ALA D 96 -16.22 -4.15 16.46
C ALA D 96 -16.26 -4.96 17.76
N TRP D 97 -16.26 -4.28 18.89
CA TRP D 97 -16.43 -4.93 20.19
C TRP D 97 -17.09 -3.94 21.16
N PRO D 98 -18.33 -4.22 21.65
CA PRO D 98 -19.16 -5.42 21.44
C PRO D 98 -19.50 -5.64 19.96
N GLY D 99 -19.61 -6.90 19.60
CA GLY D 99 -19.94 -7.36 18.26
C GLY D 99 -19.75 -8.85 18.16
N PHE D 100 -19.87 -9.41 16.95
CA PHE D 100 -19.71 -10.84 16.72
C PHE D 100 -18.33 -11.33 17.22
N ASP D 101 -18.33 -12.41 18.01
CA ASP D 101 -17.14 -12.94 18.70
C ASP D 101 -16.28 -13.93 17.86
N GLY D 102 -16.79 -14.33 16.70
CA GLY D 102 -16.09 -15.25 15.81
C GLY D 102 -14.77 -14.74 15.25
N TYR D 103 -14.71 -13.42 14.93
CA TYR D 103 -13.51 -12.81 14.38
C TYR D 103 -12.39 -12.86 15.42
N ARG D 104 -12.72 -12.57 16.70
CA ARG D 104 -11.78 -12.69 17.83
C ARG D 104 -11.12 -14.07 17.88
N ALA D 105 -11.94 -15.13 17.74
CA ALA D 105 -11.53 -16.53 17.83
C ALA D 105 -10.53 -16.89 16.73
N ARG D 106 -10.77 -16.43 15.49
CA ARG D 106 -9.92 -16.71 14.34
C ARG D 106 -8.61 -15.92 14.40
N ILE D 107 -8.63 -14.67 14.94
CA ILE D 107 -7.45 -13.80 15.10
C ILE D 107 -6.48 -14.45 16.12
N ALA D 108 -7.06 -15.10 17.14
CA ALA D 108 -6.31 -15.79 18.18
C ALA D 108 -5.49 -16.96 17.59
N VAL D 109 -6.14 -17.84 16.78
CA VAL D 109 -5.51 -19.01 16.14
C VAL D 109 -4.38 -18.55 15.17
N SER D 110 -4.50 -17.35 14.57
CA SER D 110 -3.51 -16.85 13.61
C SER D 110 -2.45 -15.92 14.21
N GLY D 111 -2.73 -15.34 15.36
CA GLY D 111 -1.83 -14.40 16.02
C GLY D 111 -1.62 -13.11 15.26
N LEU D 112 -2.70 -12.58 14.65
CA LEU D 112 -2.69 -11.33 13.87
C LEU D 112 -2.77 -10.06 14.74
N ARG D 113 -2.29 -8.91 14.23
CA ARG D 113 -2.42 -7.63 14.97
C ARG D 113 -3.89 -7.28 15.03
N HIS D 114 -4.36 -6.77 16.18
CA HIS D 114 -5.78 -6.51 16.31
C HIS D 114 -6.06 -5.21 17.07
N PHE D 115 -7.00 -4.41 16.54
CA PHE D 115 -7.53 -3.19 17.11
C PHE D 115 -9.06 -3.29 17.08
N GLU D 116 -9.73 -2.88 18.17
CA GLU D 116 -11.19 -2.98 18.19
C GLU D 116 -11.88 -1.62 18.31
N ILE D 117 -12.99 -1.47 17.55
CA ILE D 117 -13.85 -0.30 17.55
C ILE D 117 -14.97 -0.55 18.57
N GLY D 118 -15.06 0.33 19.56
CA GLY D 118 -16.09 0.24 20.59
C GLY D 118 -17.42 0.77 20.10
N LEU D 119 -18.44 0.76 21.00
CA LEU D 119 -19.76 1.23 20.65
C LEU D 119 -20.19 2.39 21.52
N THR D 120 -21.05 3.26 20.98
CA THR D 120 -21.70 4.36 21.71
C THR D 120 -22.80 3.77 22.58
N ASP D 121 -23.52 4.59 23.36
CA ASP D 121 -24.64 4.12 24.18
C ASP D 121 -25.83 3.69 23.26
N ASP D 122 -25.85 4.25 22.03
CA ASP D 122 -26.81 4.01 20.95
C ASP D 122 -26.47 2.70 20.18
N LEU D 123 -25.35 2.05 20.54
CA LEU D 123 -24.85 0.77 20.00
C LEU D 123 -24.31 0.95 18.57
N LEU D 124 -23.94 2.18 18.24
CA LEU D 124 -23.33 2.58 16.97
C LEU D 124 -21.82 2.56 17.10
N LEU D 125 -21.08 2.51 15.98
CA LEU D 125 -19.61 2.51 16.03
C LEU D 125 -19.09 3.80 16.64
N ASP D 126 -18.12 3.70 17.58
CA ASP D 126 -17.52 4.84 18.27
C ASP D 126 -16.70 5.65 17.26
N PRO D 127 -17.10 6.92 17.03
CA PRO D 127 -16.39 7.77 16.05
C PRO D 127 -14.90 7.96 16.34
N ASN D 128 -14.48 7.94 17.62
CA ASN D 128 -13.09 8.14 18.04
C ASN D 128 -12.23 6.98 17.61
N ASP D 129 -12.76 5.76 17.74
CA ASP D 129 -12.06 4.54 17.33
C ASP D 129 -12.09 4.43 15.79
N LEU D 130 -13.23 4.79 15.17
CA LEU D 130 -13.41 4.75 13.72
C LEU D 130 -12.45 5.71 13.01
N ALA D 131 -12.05 6.78 13.70
CA ALA D 131 -11.11 7.79 13.22
C ALA D 131 -9.67 7.25 13.20
N GLN D 132 -9.41 6.14 13.93
CA GLN D 132 -8.07 5.56 14.02
C GLN D 132 -7.82 4.55 12.90
N VAL D 133 -8.78 4.35 11.97
CA VAL D 133 -8.62 3.41 10.84
C VAL D 133 -7.68 4.05 9.79
N SER D 134 -6.75 3.26 9.23
CA SER D 134 -5.78 3.71 8.24
C SER D 134 -5.68 2.69 7.11
N ARG D 135 -4.83 2.98 6.11
CA ARG D 135 -4.65 2.12 4.92
C ARG D 135 -3.85 0.85 5.27
N ASP D 136 -3.35 0.73 6.50
CA ASP D 136 -2.60 -0.46 6.96
CA ASP D 136 -2.60 -0.43 6.97
C ASP D 136 -3.57 -1.44 7.61
N ASP D 137 -4.87 -1.06 7.69
CA ASP D 137 -5.92 -1.83 8.32
C ASP D 137 -6.83 -2.64 7.36
N CYS D 138 -7.17 -3.83 7.82
CA CYS D 138 -8.16 -4.73 7.20
C CYS D 138 -9.37 -4.73 8.13
N VAL D 139 -10.44 -4.01 7.72
CA VAL D 139 -11.61 -3.84 8.57
C VAL D 139 -12.64 -4.92 8.22
N VAL D 140 -13.04 -5.69 9.24
CA VAL D 140 -14.02 -6.79 9.14
C VAL D 140 -15.21 -6.44 10.04
N LEU D 141 -16.36 -6.07 9.42
CA LEU D 141 -17.56 -5.67 10.14
C LEU D 141 -18.79 -6.41 9.64
N ALA D 142 -19.73 -6.71 10.57
CA ALA D 142 -21.00 -7.35 10.22
C ALA D 142 -22.05 -6.28 9.99
N ASN D 143 -22.75 -6.33 8.83
CA ASN D 143 -23.81 -5.38 8.49
C ASN D 143 -25.04 -6.12 7.95
N PRO D 144 -26.17 -6.21 8.72
CA PRO D 144 -26.42 -5.66 10.08
C PRO D 144 -25.54 -6.35 11.11
N SER D 145 -25.28 -5.71 12.25
CA SER D 145 -24.41 -6.25 13.29
C SER D 145 -25.10 -7.29 14.20
N ASN D 146 -24.31 -8.28 14.65
CA ASN D 146 -24.71 -9.31 15.61
C ASN D 146 -23.95 -8.99 16.91
N PRO D 147 -24.60 -8.69 18.07
CA PRO D 147 -26.03 -8.85 18.40
C PRO D 147 -26.85 -7.55 18.50
N THR D 148 -26.34 -6.41 18.02
CA THR D 148 -27.04 -5.12 18.19
C THR D 148 -28.20 -4.94 17.20
N GLY D 149 -28.12 -5.59 16.03
CA GLY D 149 -29.14 -5.47 14.99
C GLY D 149 -29.00 -4.17 14.22
N GLN D 150 -27.95 -3.41 14.49
CA GLN D 150 -27.73 -2.11 13.86
C GLN D 150 -27.07 -2.26 12.50
N ALA D 151 -27.42 -1.33 11.61
CA ALA D 151 -26.88 -1.24 10.26
C ALA D 151 -25.88 -0.09 10.13
N LEU D 152 -24.82 -0.26 9.32
CA LEU D 152 -23.80 0.77 9.09
C LEU D 152 -24.42 1.93 8.35
N SER D 153 -24.16 3.16 8.81
CA SER D 153 -24.71 4.35 8.14
C SER D 153 -23.96 4.65 6.85
N ALA D 154 -24.54 5.49 6.00
CA ALA D 154 -23.95 5.94 4.74
C ALA D 154 -22.61 6.63 5.01
N GLY D 155 -22.56 7.44 6.09
CA GLY D 155 -21.37 8.15 6.54
C GLY D 155 -20.27 7.22 7.01
N GLU D 156 -20.65 6.16 7.78
CA GLU D 156 -19.70 5.15 8.28
C GLU D 156 -19.06 4.40 7.09
N LEU D 157 -19.89 3.88 6.17
CA LEU D 157 -19.43 3.17 4.98
C LEU D 157 -18.58 4.07 4.07
N ASP D 158 -18.93 5.40 3.94
CA ASP D 158 -18.17 6.38 3.14
C ASP D 158 -16.80 6.62 3.73
N GLN D 159 -16.74 6.74 5.06
CA GLN D 159 -15.48 6.91 5.80
C GLN D 159 -14.60 5.65 5.66
N LEU D 160 -15.20 4.43 5.85
CA LEU D 160 -14.46 3.17 5.74
C LEU D 160 -13.88 2.97 4.34
N ARG D 161 -14.66 3.29 3.30
CA ARG D 161 -14.28 3.15 1.89
C ARG D 161 -13.15 4.10 1.49
N GLN D 162 -12.90 5.16 2.24
CA GLN D 162 -11.74 5.94 1.86
C GLN D 162 -10.54 5.71 2.85
N ARG D 163 -10.78 5.27 4.11
CA ARG D 163 -9.69 5.11 5.09
C ARG D 163 -9.08 3.72 5.13
N ALA D 164 -9.89 2.66 5.14
CA ALA D 164 -9.38 1.30 5.27
C ALA D 164 -8.56 0.85 4.07
N GLY D 165 -7.57 0.00 4.36
CA GLY D 165 -6.72 -0.65 3.36
C GLY D 165 -7.53 -1.69 2.62
N LYS D 166 -8.23 -2.54 3.37
CA LYS D 166 -9.13 -3.62 2.92
C LYS D 166 -10.39 -3.60 3.76
N LEU D 167 -11.53 -3.96 3.17
CA LEU D 167 -12.78 -3.99 3.90
C LEU D 167 -13.56 -5.26 3.56
N LEU D 168 -13.96 -5.99 4.61
CA LEU D 168 -14.83 -7.17 4.49
C LEU D 168 -16.14 -6.86 5.20
N ILE D 169 -17.26 -6.87 4.47
CA ILE D 169 -18.58 -6.67 5.08
C ILE D 169 -19.26 -8.01 5.16
N ASP D 170 -19.52 -8.47 6.37
CA ASP D 170 -20.22 -9.73 6.63
C ASP D 170 -21.72 -9.43 6.62
N GLU D 171 -22.40 -9.77 5.48
CA GLU D 171 -23.82 -9.50 5.29
C GLU D 171 -24.69 -10.72 5.60
N THR D 172 -24.35 -11.48 6.68
CA THR D 172 -25.10 -12.65 7.12
C THR D 172 -26.58 -12.33 7.36
N TYR D 173 -26.89 -11.15 7.93
CA TYR D 173 -28.28 -10.82 8.29
C TYR D 173 -28.94 -9.83 7.30
N VAL D 174 -28.37 -9.60 6.10
CA VAL D 174 -28.89 -8.62 5.13
C VAL D 174 -30.36 -8.93 4.69
N ASP D 175 -30.77 -10.20 4.63
CA ASP D 175 -32.11 -10.58 4.12
C ASP D 175 -33.25 -10.01 4.99
N TYR D 176 -32.95 -9.62 6.23
CA TYR D 176 -33.91 -9.09 7.18
C TYR D 176 -33.80 -7.57 7.28
N SER D 177 -32.99 -6.95 6.39
CA SER D 177 -32.71 -5.53 6.38
C SER D 177 -33.60 -4.77 5.39
N SER D 178 -33.37 -3.47 5.34
CA SER D 178 -34.08 -2.52 4.51
C SER D 178 -33.21 -2.10 3.32
N PHE D 179 -32.03 -2.73 3.16
CA PHE D 179 -31.11 -2.40 2.08
C PHE D 179 -30.79 -3.65 1.20
N ARG D 180 -31.78 -4.52 1.00
CA ARG D 180 -31.63 -5.70 0.14
C ARG D 180 -31.45 -5.32 -1.34
N ALA D 181 -32.10 -4.21 -1.76
CA ALA D 181 -32.07 -3.67 -3.13
C ALA D 181 -30.67 -3.27 -3.57
N ARG D 182 -29.87 -2.76 -2.62
CA ARG D 182 -28.50 -2.27 -2.78
C ARG D 182 -27.58 -3.32 -3.51
N GLY D 183 -27.72 -4.60 -3.18
CA GLY D 183 -26.94 -5.67 -3.79
C GLY D 183 -25.53 -5.85 -3.27
N LEU D 184 -24.67 -6.51 -4.09
CA LEU D 184 -23.32 -6.87 -3.72
C LEU D 184 -22.35 -5.74 -4.03
N ALA D 185 -21.50 -5.44 -3.03
CA ALA D 185 -20.48 -4.39 -3.10
C ALA D 185 -19.11 -5.00 -2.87
N TYR D 186 -18.35 -5.16 -3.96
CA TYR D 186 -17.01 -5.70 -3.94
C TYR D 186 -16.19 -5.03 -5.05
N GLY D 187 -14.89 -4.97 -4.82
CA GLY D 187 -13.93 -4.34 -5.74
C GLY D 187 -12.51 -4.57 -5.29
N GLU D 188 -11.59 -3.79 -5.84
CA GLU D 188 -10.15 -3.81 -5.60
C GLU D 188 -9.82 -4.04 -4.10
N ASN D 189 -10.47 -3.29 -3.19
CA ASN D 189 -10.17 -3.33 -1.75
C ASN D 189 -11.39 -3.61 -0.89
N GLU D 190 -12.41 -4.24 -1.48
CA GLU D 190 -13.62 -4.53 -0.75
C GLU D 190 -14.17 -5.92 -1.14
N LEU D 191 -14.55 -6.67 -0.11
CA LEU D 191 -15.14 -8.01 -0.22
C LEU D 191 -16.43 -8.08 0.60
N VAL D 192 -17.32 -8.99 0.21
CA VAL D 192 -18.60 -9.14 0.92
C VAL D 192 -18.85 -10.66 1.13
N PHE D 193 -19.36 -11.02 2.29
CA PHE D 193 -19.73 -12.39 2.63
C PHE D 193 -21.26 -12.52 2.83
N ARG D 194 -21.84 -13.57 2.26
CA ARG D 194 -23.26 -13.93 2.40
C ARG D 194 -23.35 -15.34 2.98
N SER D 195 -24.27 -15.54 3.94
CA SER D 195 -24.49 -16.83 4.59
C SER D 195 -25.73 -17.54 4.04
N PHE D 196 -25.74 -18.88 4.01
CA PHE D 196 -26.93 -19.63 3.58
C PHE D 196 -27.61 -20.23 4.82
N SER D 197 -27.15 -19.83 6.02
CA SER D 197 -27.61 -20.36 7.29
C SER D 197 -28.94 -19.76 7.77
N LYS D 198 -29.28 -18.52 7.37
CA LYS D 198 -30.47 -17.87 7.92
C LYS D 198 -31.64 -17.98 6.91
N SER D 199 -32.00 -16.92 6.16
CA SER D 199 -33.14 -16.95 5.20
C SER D 199 -33.17 -18.19 4.29
N TYR D 200 -31.98 -18.70 3.88
CA TYR D 200 -31.88 -19.85 2.98
C TYR D 200 -32.11 -21.20 3.70
N GLY D 201 -32.08 -21.18 5.03
CA GLY D 201 -32.36 -22.35 5.86
C GLY D 201 -31.40 -23.52 5.81
N LEU D 202 -30.10 -23.25 5.61
CA LEU D 202 -29.09 -24.31 5.59
C LEU D 202 -28.10 -24.17 6.75
N ALA D 203 -28.56 -23.74 7.94
CA ALA D 203 -27.70 -23.52 9.10
C ALA D 203 -26.87 -24.75 9.48
N GLY D 204 -27.44 -25.93 9.36
CA GLY D 204 -26.79 -27.19 9.70
C GLY D 204 -25.73 -27.61 8.71
N LEU D 205 -25.62 -26.93 7.56
CA LEU D 205 -24.61 -27.24 6.53
C LEU D 205 -23.43 -26.28 6.61
N ARG D 206 -23.63 -25.11 7.26
CA ARG D 206 -22.63 -24.07 7.48
C ARG D 206 -21.89 -23.77 6.14
N LEU D 207 -22.63 -23.15 5.20
CA LEU D 207 -22.14 -22.71 3.90
C LEU D 207 -22.29 -21.20 3.75
N GLY D 208 -21.43 -20.63 2.94
CA GLY D 208 -21.42 -19.21 2.66
C GLY D 208 -20.74 -18.93 1.34
N ALA D 209 -20.91 -17.71 0.83
CA ALA D 209 -20.29 -17.28 -0.44
C ALA D 209 -19.57 -15.97 -0.21
N LEU D 210 -18.31 -15.92 -0.63
CA LEU D 210 -17.45 -14.74 -0.53
C LEU D 210 -17.30 -14.12 -1.90
N PHE D 211 -17.52 -12.79 -1.97
CA PHE D 211 -17.41 -12.04 -3.22
C PHE D 211 -16.27 -11.05 -3.13
N GLY D 212 -15.46 -10.99 -4.18
CA GLY D 212 -14.34 -10.08 -4.22
C GLY D 212 -13.69 -9.95 -5.58
N PRO D 213 -12.55 -9.24 -5.64
CA PRO D 213 -11.84 -9.08 -6.92
C PRO D 213 -11.30 -10.43 -7.42
N SER D 214 -11.37 -10.67 -8.76
CA SER D 214 -11.05 -11.93 -9.41
C SER D 214 -9.65 -12.42 -9.10
N GLU D 215 -8.65 -11.53 -8.97
CA GLU D 215 -7.26 -11.91 -8.71
C GLU D 215 -7.10 -12.54 -7.32
N LEU D 216 -7.59 -11.83 -6.26
CA LEU D 216 -7.58 -12.32 -4.89
C LEU D 216 -8.43 -13.61 -4.71
N ILE D 217 -9.65 -13.66 -5.29
CA ILE D 217 -10.52 -14.84 -5.20
C ILE D 217 -9.74 -16.07 -5.71
N ALA D 218 -9.09 -15.95 -6.90
CA ALA D 218 -8.36 -17.07 -7.52
C ALA D 218 -7.14 -17.48 -6.69
N ALA D 219 -6.47 -16.51 -6.06
CA ALA D 219 -5.35 -16.77 -5.16
C ALA D 219 -5.81 -17.61 -3.96
N LYS D 221 -8.85 -19.36 -3.75
CA LYS D 221 -9.57 -20.54 -4.25
C LYS D 221 -8.61 -21.79 -4.36
N ARG D 222 -7.35 -21.59 -4.79
CA ARG D 222 -6.38 -22.67 -4.94
C ARG D 222 -5.87 -23.20 -3.57
N LYS D 223 -6.09 -22.46 -2.49
CA LYS D 223 -5.64 -22.88 -1.15
C LYS D 223 -6.72 -23.77 -0.46
N GLN D 224 -7.97 -23.78 -1.04
CA GLN D 224 -9.10 -24.59 -0.57
C GLN D 224 -8.82 -26.06 -0.73
N TRP D 225 -9.41 -26.86 0.18
CA TRP D 225 -9.26 -28.32 0.19
C TRP D 225 -10.01 -28.95 -0.96
N PHE D 226 -9.52 -30.08 -1.44
CA PHE D 226 -10.18 -30.83 -2.51
C PHE D 226 -11.49 -31.35 -1.96
N CYS D 227 -12.58 -31.15 -2.74
CA CYS D 227 -13.94 -31.60 -2.41
C CYS D 227 -14.34 -31.03 -1.02
N ASN D 228 -14.06 -29.71 -0.83
CA ASN D 228 -14.32 -28.97 0.40
C ASN D 228 -15.82 -29.08 0.80
N VAL D 229 -16.72 -29.06 -0.20
CA VAL D 229 -18.16 -29.18 -0.03
C VAL D 229 -18.62 -30.48 -0.76
N GLY D 230 -19.06 -31.47 0.01
CA GLY D 230 -19.50 -32.76 -0.49
C GLY D 230 -20.77 -32.76 -1.32
N THR D 231 -21.05 -33.90 -1.96
CA THR D 231 -22.19 -34.11 -2.85
C THR D 231 -23.56 -33.80 -2.16
N LEU D 232 -23.74 -34.15 -0.87
CA LEU D 232 -25.01 -33.89 -0.18
C LEU D 232 -25.24 -32.38 0.03
N ASP D 233 -24.22 -31.65 0.53
CA ASP D 233 -24.34 -30.19 0.74
C ASP D 233 -24.51 -29.45 -0.58
N LEU D 234 -23.78 -29.87 -1.63
CA LEU D 234 -23.86 -29.25 -2.95
C LEU D 234 -25.29 -29.37 -3.54
N HIS D 235 -25.91 -30.56 -3.48
CA HIS D 235 -27.26 -30.75 -4.02
C HIS D 235 -28.30 -30.02 -3.17
N ALA D 236 -28.07 -29.89 -1.84
CA ALA D 236 -28.98 -29.15 -0.95
C ALA D 236 -28.93 -27.66 -1.28
N LEU D 237 -27.71 -27.08 -1.39
CA LEU D 237 -27.51 -25.67 -1.75
C LEU D 237 -28.15 -25.37 -3.12
N GLU D 238 -27.91 -26.22 -4.12
CA GLU D 238 -28.44 -26.04 -5.47
C GLU D 238 -29.98 -25.87 -5.48
N ALA D 239 -30.70 -26.73 -4.72
CA ALA D 239 -32.14 -26.72 -4.61
C ALA D 239 -32.62 -25.52 -3.78
N ALA D 240 -31.86 -25.11 -2.74
CA ALA D 240 -32.19 -23.98 -1.88
C ALA D 240 -32.13 -22.63 -2.65
N LEU D 241 -31.33 -22.58 -3.73
CA LEU D 241 -31.16 -21.39 -4.56
C LEU D 241 -32.38 -21.21 -5.50
N ASP D 242 -33.05 -22.31 -5.83
CA ASP D 242 -34.26 -22.20 -6.64
C ASP D 242 -35.49 -22.35 -5.68
N ASN D 243 -35.56 -21.51 -4.62
CA ASN D 243 -36.59 -21.59 -3.57
C ASN D 243 -36.96 -20.19 -3.05
N ASP D 244 -37.07 -19.22 -3.99
CA ASP D 244 -37.34 -17.82 -3.70
C ASP D 244 -38.76 -17.62 -3.06
N ARG D 245 -39.79 -18.41 -3.47
CA ARG D 245 -41.15 -18.31 -2.92
CA ARG D 245 -41.16 -18.32 -2.92
C ARG D 245 -41.14 -18.47 -1.39
N ALA D 246 -40.58 -19.58 -0.89
CA ALA D 246 -40.50 -19.89 0.53
C ALA D 246 -39.60 -18.92 1.29
N ARG D 247 -38.47 -18.55 0.70
CA ARG D 247 -37.48 -17.65 1.29
C ARG D 247 -38.11 -16.26 1.51
N GLU D 248 -38.86 -15.75 0.51
CA GLU D 248 -39.52 -14.45 0.60
C GLU D 248 -40.66 -14.45 1.64
N ALA D 249 -41.36 -15.59 1.76
CA ALA D 249 -42.45 -15.76 2.72
C ALA D 249 -41.90 -15.79 4.17
N HIS D 250 -40.71 -16.40 4.37
CA HIS D 250 -40.02 -16.46 5.64
C HIS D 250 -39.53 -15.05 6.03
N ILE D 251 -38.98 -14.29 5.06
CA ILE D 251 -38.48 -12.93 5.29
C ILE D 251 -39.64 -12.03 5.74
N ALA D 252 -40.75 -12.06 4.98
CA ALA D 252 -41.95 -11.25 5.24
C ALA D 252 -42.54 -11.53 6.65
N LYS D 253 -42.67 -12.83 7.01
CA LYS D 253 -43.19 -13.29 8.29
C LYS D 253 -42.25 -12.86 9.42
N THR D 254 -40.92 -12.95 9.20
CA THR D 254 -39.93 -12.57 10.21
C THR D 254 -40.03 -11.05 10.49
N LEU D 255 -40.19 -10.19 9.47
CA LEU D 255 -40.26 -8.75 9.72
C LEU D 255 -41.51 -8.39 10.49
N ALA D 256 -42.63 -9.02 10.16
CA ALA D 256 -43.93 -8.82 10.82
C ALA D 256 -43.89 -9.29 12.29
N GLN D 257 -43.32 -10.48 12.55
CA GLN D 257 -43.19 -11.02 13.90
C GLN D 257 -42.14 -10.23 14.72
N ARG D 258 -41.08 -9.70 14.06
CA ARG D 258 -40.08 -8.85 14.70
C ARG D 258 -40.73 -7.58 15.21
N ARG D 259 -41.62 -6.98 14.39
CA ARG D 259 -42.36 -5.78 14.74
C ARG D 259 -43.29 -6.09 15.94
N ARG D 260 -44.04 -7.23 15.89
CA ARG D 260 -44.93 -7.68 16.96
C ARG D 260 -44.16 -7.81 18.28
N VAL D 261 -43.08 -8.61 18.28
CA VAL D 261 -42.29 -8.90 19.48
C VAL D 261 -41.68 -7.60 20.06
N ALA D 262 -41.05 -6.74 19.22
CA ALA D 262 -40.45 -5.47 19.67
C ALA D 262 -41.51 -4.55 20.33
N ASP D 263 -42.67 -4.37 19.66
CA ASP D 263 -43.73 -3.49 20.18
C ASP D 263 -44.33 -4.04 21.47
N ALA D 264 -44.61 -5.37 21.54
CA ALA D 264 -45.20 -6.01 22.71
C ALA D 264 -44.26 -5.95 23.92
N LEU D 265 -42.95 -6.22 23.74
CA LEU D 265 -41.98 -6.16 24.84
C LEU D 265 -41.85 -4.72 25.39
N ARG D 266 -41.83 -3.70 24.50
CA ARG D 266 -41.73 -2.28 24.93
C ARG D 266 -42.98 -1.87 25.72
N GLY D 267 -44.12 -2.44 25.35
CA GLY D 267 -45.39 -2.20 26.03
C GLY D 267 -45.42 -2.87 27.40
N LEU D 268 -44.60 -3.92 27.59
CA LEU D 268 -44.47 -4.65 28.85
C LEU D 268 -43.41 -3.96 29.76
N GLY D 269 -42.75 -2.93 29.23
CA GLY D 269 -41.75 -2.16 29.95
C GLY D 269 -40.30 -2.47 29.66
N TYR D 270 -40.03 -3.45 28.76
CA TYR D 270 -38.65 -3.83 28.40
C TYR D 270 -38.03 -2.77 27.47
N ARG D 271 -36.69 -2.66 27.51
CA ARG D 271 -35.95 -1.73 26.64
C ARG D 271 -35.33 -2.54 25.50
N VAL D 272 -35.94 -2.43 24.31
CA VAL D 272 -35.61 -3.17 23.10
C VAL D 272 -34.96 -2.26 22.08
N ALA D 273 -33.82 -2.69 21.54
CA ALA D 273 -33.09 -1.96 20.52
C ALA D 273 -33.69 -2.22 19.14
N SER D 274 -33.60 -1.23 18.22
CA SER D 274 -34.02 -1.39 16.82
C SER D 274 -33.20 -2.51 16.21
N SER D 275 -33.74 -3.23 15.22
CA SER D 275 -33.00 -4.31 14.59
C SER D 275 -33.33 -4.44 13.11
N GLU D 276 -32.28 -4.71 12.34
CA GLU D 276 -32.29 -4.96 10.90
C GLU D 276 -32.01 -6.47 10.63
N ALA D 277 -32.02 -7.28 11.70
CA ALA D 277 -31.74 -8.71 11.64
C ALA D 277 -32.93 -9.53 12.11
N ASN D 278 -32.82 -10.87 12.22
CA ASN D 278 -33.94 -11.73 12.67
C ASN D 278 -33.88 -11.97 14.20
N PHE D 279 -33.63 -10.90 14.94
CA PHE D 279 -33.51 -10.94 16.38
C PHE D 279 -33.64 -9.56 16.93
N VAL D 280 -33.85 -9.45 18.25
CA VAL D 280 -33.90 -8.16 18.93
C VAL D 280 -33.00 -8.21 20.17
N LEU D 281 -32.26 -7.13 20.43
CA LEU D 281 -31.42 -7.00 21.64
C LEU D 281 -32.26 -6.32 22.72
N VAL D 282 -32.39 -6.98 23.90
CA VAL D 282 -33.22 -6.48 25.01
C VAL D 282 -32.34 -6.27 26.25
N GLU D 283 -32.58 -5.17 26.99
CA GLU D 283 -31.87 -4.84 28.24
C GLU D 283 -32.29 -5.81 29.33
N ASN D 284 -31.28 -6.40 30.05
CA ASN D 284 -31.54 -7.40 31.08
C ASN D 284 -30.67 -7.17 32.34
N ALA D 285 -31.04 -6.16 33.14
CA ALA D 285 -30.34 -5.87 34.38
C ALA D 285 -30.43 -7.04 35.39
N ALA D 286 -31.51 -7.82 35.35
CA ALA D 286 -31.77 -8.96 36.24
C ALA D 286 -30.75 -10.12 36.07
N GLY D 287 -30.00 -10.10 34.96
CA GLY D 287 -28.97 -11.09 34.67
C GLY D 287 -29.50 -12.48 34.44
N GLU D 288 -28.80 -13.48 35.01
CA GLU D 288 -29.09 -14.92 34.90
C GLU D 288 -30.53 -15.27 35.34
N ARG D 289 -31.09 -14.54 36.34
CA ARG D 289 -32.45 -14.75 36.87
C ARG D 289 -33.48 -14.85 35.73
N THR D 290 -33.32 -14.02 34.67
CA THR D 290 -34.20 -13.98 33.51
C THR D 290 -34.06 -15.26 32.67
N LEU D 291 -32.81 -15.64 32.35
CA LEU D 291 -32.50 -16.83 31.55
C LEU D 291 -33.03 -18.10 32.23
N ARG D 292 -32.85 -18.20 33.56
CA ARG D 292 -33.29 -19.30 34.39
C ARG D 292 -34.84 -19.39 34.37
N PHE D 293 -35.52 -18.23 34.42
CA PHE D 293 -36.98 -18.11 34.38
C PHE D 293 -37.52 -18.64 33.05
N LEU D 294 -36.88 -18.23 31.94
CA LEU D 294 -37.28 -18.63 30.61
C LEU D 294 -37.01 -20.12 30.40
N ARG D 295 -35.85 -20.65 30.88
CA ARG D 295 -35.51 -22.07 30.76
C ARG D 295 -36.53 -22.95 31.51
N GLU D 296 -37.05 -22.46 32.65
CA GLU D 296 -38.07 -23.18 33.40
C GLU D 296 -39.35 -23.34 32.59
N ARG D 297 -39.60 -22.39 31.69
CA ARG D 297 -40.79 -22.37 30.84
C ARG D 297 -40.48 -22.88 29.41
N GLY D 298 -39.38 -23.59 29.24
CA GLY D 298 -38.96 -24.19 27.98
C GLY D 298 -38.50 -23.25 26.87
N ILE D 299 -38.13 -22.00 27.22
CA ILE D 299 -37.67 -21.01 26.24
C ILE D 299 -36.16 -20.76 26.43
N GLN D 300 -35.40 -20.93 25.36
CA GLN D 300 -33.95 -20.72 25.32
C GLN D 300 -33.66 -19.48 24.48
N VAL D 301 -33.04 -18.44 25.09
CA VAL D 301 -32.58 -17.19 24.46
C VAL D 301 -31.05 -17.11 24.64
N LYS D 302 -30.38 -16.13 23.97
CA LYS D 302 -28.93 -15.95 24.01
C LYS D 302 -28.51 -14.83 24.98
N ASP D 303 -27.50 -15.12 25.83
CA ASP D 303 -26.89 -14.15 26.74
C ASP D 303 -25.87 -13.33 25.91
N ALA D 304 -26.15 -12.03 25.72
CA ALA D 304 -25.33 -11.15 24.88
C ALA D 304 -23.97 -10.81 25.55
N GLY D 305 -23.73 -11.38 26.74
CA GLY D 305 -22.45 -11.26 27.46
C GLY D 305 -21.32 -11.88 26.65
N GLN D 306 -21.69 -12.86 25.81
CA GLN D 306 -20.82 -13.58 24.88
C GLN D 306 -20.16 -12.63 23.90
N PHE D 307 -20.86 -11.52 23.57
CA PHE D 307 -20.43 -10.52 22.58
C PHE D 307 -19.97 -9.22 23.24
N GLY D 308 -19.83 -9.22 24.57
CA GLY D 308 -19.36 -8.06 25.33
C GLY D 308 -20.46 -7.17 25.85
N LEU D 309 -21.72 -7.54 25.60
CA LEU D 309 -22.89 -6.81 26.04
C LEU D 309 -23.57 -7.55 27.18
N HIS D 310 -22.92 -7.57 28.35
CA HIS D 310 -23.44 -8.22 29.56
C HIS D 310 -24.71 -7.55 29.99
N HIS D 311 -25.60 -8.30 30.66
CA HIS D 311 -26.89 -7.81 31.16
C HIS D 311 -27.75 -7.27 29.99
N HIS D 312 -27.74 -8.07 28.91
CA HIS D 312 -28.51 -7.95 27.68
C HIS D 312 -28.84 -9.34 27.22
N ILE D 313 -29.96 -9.51 26.51
CA ILE D 313 -30.30 -10.81 25.91
C ILE D 313 -30.63 -10.57 24.44
N ARG D 314 -30.22 -11.52 23.58
CA ARG D 314 -30.52 -11.51 22.14
C ARG D 314 -31.60 -12.56 21.91
N ILE D 315 -32.81 -12.09 21.60
CA ILE D 315 -33.97 -12.94 21.38
C ILE D 315 -34.18 -13.13 19.89
N SER D 316 -34.08 -14.38 19.43
CA SER D 316 -34.33 -14.72 18.03
C SER D 316 -35.82 -14.70 17.73
N ILE D 317 -36.18 -14.22 16.53
CA ILE D 317 -37.56 -14.20 16.05
C ILE D 317 -37.87 -15.58 15.46
N GLY D 318 -38.80 -16.30 16.09
CA GLY D 318 -39.18 -17.64 15.61
C GLY D 318 -40.52 -17.63 14.91
N ARG D 319 -41.15 -18.82 14.77
CA ARG D 319 -42.52 -18.93 14.21
C ARG D 319 -43.50 -18.26 15.15
N GLU D 320 -44.72 -17.95 14.68
CA GLU D 320 -45.76 -17.31 15.46
C GLU D 320 -45.92 -17.98 16.84
N GLU D 321 -46.00 -19.33 16.90
CA GLU D 321 -46.13 -20.12 18.14
C GLU D 321 -45.00 -19.84 19.11
N ASP D 322 -43.76 -19.84 18.57
CA ASP D 322 -42.53 -19.66 19.34
C ASP D 322 -42.58 -18.30 20.07
N ASN D 323 -42.96 -17.24 19.33
CA ASN D 323 -43.07 -15.87 19.79
C ASN D 323 -44.26 -15.73 20.80
N ASP D 324 -45.34 -16.48 20.55
CA ASP D 324 -46.51 -16.48 21.45
C ASP D 324 -46.08 -16.86 22.88
N ARG D 325 -45.27 -17.93 22.96
CA ARG D 325 -44.71 -18.48 24.18
C ARG D 325 -43.69 -17.55 24.80
N LEU D 326 -42.79 -16.94 23.99
CA LEU D 326 -41.81 -15.98 24.52
C LEU D 326 -42.52 -14.79 25.16
N LEU D 327 -43.44 -14.17 24.43
CA LEU D 327 -44.16 -13.00 24.91
C LEU D 327 -44.99 -13.32 26.17
N ALA D 328 -45.60 -14.51 26.27
CA ALA D 328 -46.40 -14.92 27.43
C ALA D 328 -45.53 -15.06 28.65
N ALA D 329 -44.33 -15.64 28.45
CA ALA D 329 -43.38 -15.84 29.53
C ALA D 329 -42.88 -14.49 30.06
N LEU D 330 -42.43 -13.56 29.16
CA LEU D 330 -41.88 -12.27 29.60
C LEU D 330 -43.02 -11.32 30.05
N ALA D 331 -44.28 -11.58 29.66
CA ALA D 331 -45.41 -10.81 30.21
C ALA D 331 -45.55 -11.16 31.69
N GLU D 332 -45.44 -12.47 32.01
CA GLU D 332 -45.49 -13.01 33.37
C GLU D 332 -44.29 -12.46 34.21
N TYR D 333 -43.08 -12.43 33.63
CA TYR D 333 -41.85 -11.99 34.27
C TYR D 333 -41.90 -10.49 34.61
N SER D 334 -42.60 -9.64 33.80
CA SER D 334 -42.70 -8.19 34.08
C SER D 334 -43.64 -7.93 35.28
#